data_1LLF
#
_entry.id   1LLF
#
_cell.length_a   58.461
_cell.length_b   58.477
_cell.length_c   89.515
_cell.angle_alpha   92.71
_cell.angle_beta   97.48
_cell.angle_gamma   109.38
#
_symmetry.space_group_name_H-M   'P 1'
#
loop_
_entity.id
_entity.type
_entity.pdbx_description
1 polymer 'Lipase 3'
2 branched 2-acetamido-2-deoxy-beta-D-glucopyranose-(1-4)-2-acetamido-2-deoxy-beta-D-glucopyranose
3 non-polymer 'TRICOSANOIC ACID'
4 water water
#
_entity_poly.entity_id   1
_entity_poly.type   'polypeptide(L)'
_entity_poly.pdbx_seq_one_letter_code
;APTAKLANGDTITGLNAIINEAFLGIPFAEPPVGNLRFKDPVPYSGSLNGQKFTSYGPSCMQQNPEGTFEENLGKTALDL
VMQSKVFQAVLPQSEDCLTINVVRPPGTKAGANLPVMLWIFGGGFEIGSPTIFPPAQMVTKSVLMGKPIIHVAVNYRVAS
WGFLAGDDIKAEGSGNAGLKDQRLGMQWVADNIAGFGGDPSKVTIFGESAGSMSVLCHLIWNDGDNTYKGKPLFRAGIMQ
SGAMVPSDPVDGTYGNEIYDLFVSSAGCGSASDKLACLRSASSDTLLDATNNTPGFLAYSSLRLSYLPRPDGKNITDDMY
KLVRDGKYASVPVIIGDQNDEGTIFGLSSLNVTTNAQARAYFKQSFIHASDAEIDTLMAAYPQDITQGSPFDTGIFNAIT
PQFKRISAVLGDLAFIHARRYFLNHFQGGTKYSFLSKQLSGLPIMGTFHANDIVWQDYLLGSGSVIYNNAFIAFATDLDP
NTAGLLVNWPKYTSSSQSGNNLMMINALGLYTGKDNFRTAGYDALMTNPSSFFV
;
_entity_poly.pdbx_strand_id   A,B
#
loop_
_chem_comp.id
_chem_comp.type
_chem_comp.name
_chem_comp.formula
F23 non-polymer 'TRICOSANOIC ACID' 'C23 H46 O2'
NAG D-saccharide, beta linking 2-acetamido-2-deoxy-beta-D-glucopyranose 'C8 H15 N O6'
#
# COMPACT_ATOMS: atom_id res chain seq x y z
N ALA A 1 36.33 10.09 -14.03
CA ALA A 1 35.37 9.72 -12.99
C ALA A 1 35.80 10.29 -11.66
N PRO A 2 34.88 10.52 -10.73
CA PRO A 2 35.29 11.01 -9.42
C PRO A 2 36.18 10.00 -8.69
N THR A 3 37.19 10.52 -8.01
CA THR A 3 38.08 9.62 -7.29
C THR A 3 38.40 10.18 -5.90
N ALA A 4 38.86 9.32 -5.01
CA ALA A 4 39.20 9.67 -3.66
C ALA A 4 40.27 8.73 -3.10
N LYS A 5 41.21 9.31 -2.37
CA LYS A 5 42.23 8.52 -1.70
C LYS A 5 41.80 8.29 -0.26
N LEU A 6 41.83 7.04 0.12
CA LEU A 6 41.55 6.66 1.50
C LEU A 6 42.78 6.86 2.40
N ALA A 7 42.58 6.77 3.71
CA ALA A 7 43.68 6.97 4.66
C ALA A 7 44.81 5.99 4.42
N ASN A 8 44.49 4.79 3.93
CA ASN A 8 45.57 3.81 3.72
C ASN A 8 46.27 4.02 2.38
N GLY A 9 45.85 5.02 1.61
CA GLY A 9 46.54 5.28 0.37
C GLY A 9 45.81 4.71 -0.84
N ASP A 10 44.82 3.85 -0.62
CA ASP A 10 44.05 3.33 -1.73
C ASP A 10 43.30 4.42 -2.49
N THR A 11 43.25 4.31 -3.79
CA THR A 11 42.44 5.24 -4.54
C THR A 11 41.21 4.53 -5.10
N ILE A 12 40.06 5.10 -4.82
CA ILE A 12 38.80 4.52 -5.29
C ILE A 12 38.09 5.49 -6.23
N THR A 13 37.20 4.91 -7.03
CA THR A 13 36.46 5.61 -8.05
C THR A 13 34.98 5.60 -7.71
N GLY A 14 34.30 6.72 -7.94
CA GLY A 14 32.86 6.81 -7.74
C GLY A 14 32.10 7.09 -9.01
N LEU A 15 30.87 7.58 -8.83
CA LEU A 15 29.97 7.89 -9.92
C LEU A 15 29.70 9.37 -10.08
N ASN A 16 29.85 9.88 -11.32
CA ASN A 16 29.43 11.26 -11.57
C ASN A 16 27.95 11.22 -11.89
N ALA A 17 27.10 11.56 -10.91
CA ALA A 17 25.65 11.53 -11.17
C ALA A 17 25.17 12.90 -11.64
N ILE A 18 26.07 13.78 -11.99
CA ILE A 18 25.83 15.13 -12.51
C ILE A 18 25.32 16.07 -11.44
N ILE A 19 24.25 15.70 -10.75
CA ILE A 19 23.76 16.50 -9.64
C ILE A 19 24.53 16.23 -8.36
N ASN A 20 25.38 15.24 -8.30
CA ASN A 20 26.27 14.97 -7.17
C ASN A 20 27.30 13.94 -7.63
N GLU A 21 28.30 13.69 -6.81
CA GLU A 21 29.26 12.62 -7.00
C GLU A 21 29.13 11.61 -5.88
N ALA A 22 29.00 10.32 -6.23
CA ALA A 22 28.61 9.33 -5.27
C ALA A 22 29.62 8.19 -5.24
N PHE A 23 30.03 7.83 -4.03
CA PHE A 23 30.89 6.68 -3.76
C PHE A 23 30.04 5.72 -2.91
N LEU A 24 29.48 4.70 -3.52
CA LEU A 24 28.42 3.88 -2.95
C LEU A 24 28.90 2.46 -2.74
N GLY A 25 28.63 1.89 -1.57
CA GLY A 25 28.97 0.51 -1.33
C GLY A 25 30.36 0.23 -0.82
N ILE A 26 30.98 1.17 -0.14
CA ILE A 26 32.33 1.02 0.34
C ILE A 26 32.36 0.13 1.60
N PRO A 27 33.01 -1.01 1.61
CA PRO A 27 33.04 -1.83 2.84
C PRO A 27 33.83 -1.14 3.96
N PHE A 28 33.28 -1.14 5.18
CA PHE A 28 34.04 -0.57 6.28
C PHE A 28 34.30 -1.59 7.38
N ALA A 29 33.75 -2.77 7.29
CA ALA A 29 33.93 -3.83 8.28
C ALA A 29 34.12 -5.15 7.58
N GLU A 30 34.71 -6.11 8.25
CA GLU A 30 34.65 -7.47 7.73
C GLU A 30 33.21 -7.96 7.68
N PRO A 31 32.83 -8.77 6.69
CA PRO A 31 31.46 -9.32 6.67
C PRO A 31 31.14 -10.05 7.97
N PRO A 32 30.08 -9.61 8.67
CA PRO A 32 29.75 -10.19 9.97
C PRO A 32 28.96 -11.50 9.85
N VAL A 33 29.54 -12.43 9.12
CA VAL A 33 28.88 -13.69 8.78
C VAL A 33 29.40 -14.83 9.65
N GLY A 34 28.70 -15.96 9.70
CA GLY A 34 29.23 -17.12 10.40
C GLY A 34 29.59 -16.82 11.84
N ASN A 35 30.79 -17.14 12.27
CA ASN A 35 31.24 -16.97 13.65
C ASN A 35 31.41 -15.51 14.03
N LEU A 36 31.25 -14.55 13.12
CA LEU A 36 31.23 -13.14 13.47
C LEU A 36 29.83 -12.61 13.67
N ARG A 37 28.78 -13.42 13.47
CA ARG A 37 27.44 -12.95 13.78
C ARG A 37 27.30 -12.50 15.22
N PHE A 38 26.55 -11.43 15.38
CA PHE A 38 26.17 -10.76 16.61
C PHE A 38 27.34 -10.06 17.29
N LYS A 39 28.55 -10.30 16.83
CA LYS A 39 29.75 -9.73 17.46
C LYS A 39 29.97 -8.31 17.00
N ASP A 40 30.81 -7.62 17.77
CA ASP A 40 31.30 -6.32 17.37
C ASP A 40 31.85 -6.40 15.93
N PRO A 41 31.68 -5.33 15.17
CA PRO A 41 32.25 -5.32 13.82
C PRO A 41 33.76 -5.26 13.88
N VAL A 42 34.38 -5.98 12.97
CA VAL A 42 35.82 -5.96 12.79
C VAL A 42 36.17 -4.95 11.70
N PRO A 43 37.07 -4.00 11.95
CA PRO A 43 37.45 -3.08 10.86
C PRO A 43 37.91 -3.77 9.59
N TYR A 44 37.50 -3.30 8.42
CA TYR A 44 37.88 -3.94 7.17
C TYR A 44 39.37 -3.92 6.93
N SER A 45 40.01 -5.02 6.58
CA SER A 45 41.47 -5.12 6.46
C SER A 45 41.99 -5.10 5.04
N GLY A 46 41.12 -5.29 4.04
CA GLY A 46 41.66 -5.42 2.71
C GLY A 46 41.91 -4.14 1.97
N SER A 47 42.46 -4.26 0.76
CA SER A 47 42.76 -3.12 -0.09
C SER A 47 41.58 -2.91 -1.05
N LEU A 48 41.22 -1.65 -1.27
CA LEU A 48 40.18 -1.27 -2.21
C LEU A 48 40.78 -0.54 -3.43
N ASN A 49 42.11 -0.60 -3.54
CA ASN A 49 42.77 0.26 -4.53
C ASN A 49 42.25 -0.09 -5.92
N GLY A 50 41.88 0.95 -6.68
CA GLY A 50 41.50 0.68 -8.06
C GLY A 50 40.08 0.23 -8.22
N GLN A 51 39.35 0.03 -7.11
CA GLN A 51 37.97 -0.43 -7.22
C GLN A 51 36.99 0.72 -7.44
N LYS A 52 35.82 0.40 -7.97
CA LYS A 52 34.73 1.29 -8.33
C LYS A 52 33.54 1.12 -7.39
N PHE A 53 32.94 2.21 -6.96
CA PHE A 53 31.86 2.20 -5.96
C PHE A 53 30.73 3.06 -6.52
N THR A 54 29.90 2.53 -7.40
CA THR A 54 28.95 3.34 -8.16
C THR A 54 27.51 2.93 -7.99
N SER A 55 27.27 1.94 -7.10
CA SER A 55 25.89 1.58 -6.81
C SER A 55 25.76 1.11 -5.38
N TYR A 56 24.56 1.23 -4.79
CA TYR A 56 24.40 0.80 -3.43
C TYR A 56 24.58 -0.71 -3.29
N GLY A 57 25.22 -1.15 -2.22
CA GLY A 57 25.23 -2.56 -1.86
C GLY A 57 23.91 -2.98 -1.23
N PRO A 58 23.78 -4.27 -0.94
CA PRO A 58 22.56 -4.78 -0.35
C PRO A 58 22.33 -4.20 1.05
N SER A 59 21.04 -4.21 1.41
CA SER A 59 20.68 -3.90 2.78
C SER A 59 21.19 -5.04 3.67
N CYS A 60 21.27 -4.76 4.96
CA CYS A 60 21.37 -5.85 5.92
C CYS A 60 20.06 -6.65 5.89
N MET A 61 20.04 -7.84 6.47
CA MET A 61 18.85 -8.66 6.46
C MET A 61 17.72 -7.91 7.15
N GLN A 62 16.53 -8.03 6.58
CA GLN A 62 15.36 -7.29 7.01
C GLN A 62 14.33 -8.19 7.65
N GLN A 63 13.84 -7.78 8.82
CA GLN A 63 12.74 -8.51 9.43
C GLN A 63 11.41 -8.11 8.80
N ASN A 64 10.53 -9.06 8.52
CA ASN A 64 9.15 -8.73 8.20
C ASN A 64 8.52 -7.84 9.26
N PRO A 65 8.09 -6.62 8.93
CA PRO A 65 7.38 -5.78 9.91
C PRO A 65 6.18 -6.44 10.55
N GLU A 66 5.55 -7.39 9.87
CA GLU A 66 4.42 -8.12 10.43
C GLU A 66 4.79 -9.51 10.93
N GLY A 67 6.11 -9.74 11.03
CA GLY A 67 6.60 -10.96 11.64
C GLY A 67 5.97 -11.21 13.01
N THR A 68 5.87 -12.47 13.38
CA THR A 68 5.35 -12.86 14.67
C THR A 68 5.39 -14.37 14.81
N PHE A 69 5.28 -14.88 16.02
CA PHE A 69 5.13 -16.33 16.19
C PHE A 69 3.71 -16.80 15.87
N GLU A 70 2.76 -15.95 15.67
CA GLU A 70 1.38 -16.15 15.26
C GLU A 70 1.30 -16.27 13.75
N GLU A 71 0.21 -16.79 13.20
CA GLU A 71 0.03 -16.75 11.75
C GLU A 71 -1.10 -15.77 11.48
N ASN A 72 -0.92 -14.95 10.44
CA ASN A 72 -2.00 -14.07 10.01
C ASN A 72 -1.74 -13.55 8.60
N LEU A 73 -2.77 -13.01 7.97
CA LEU A 73 -2.62 -12.65 6.57
C LEU A 73 -1.64 -11.52 6.36
N GLY A 74 -1.46 -10.67 7.38
CA GLY A 74 -0.54 -9.55 7.15
C GLY A 74 0.90 -9.99 7.07
N LYS A 75 1.23 -10.88 8.00
CA LYS A 75 2.56 -11.50 7.98
C LYS A 75 2.77 -12.20 6.64
N THR A 76 1.77 -12.92 6.18
CA THR A 76 1.88 -13.63 4.90
C THR A 76 2.07 -12.70 3.71
N ALA A 77 1.23 -11.67 3.71
CA ALA A 77 1.27 -10.70 2.63
C ALA A 77 2.65 -10.08 2.51
N LEU A 78 3.22 -9.62 3.64
CA LEU A 78 4.54 -9.01 3.50
C LEU A 78 5.63 -10.00 3.17
N ASP A 79 5.54 -11.23 3.65
CA ASP A 79 6.54 -12.21 3.29
C ASP A 79 6.55 -12.42 1.78
N LEU A 80 5.36 -12.61 1.20
CA LEU A 80 5.36 -12.82 -0.25
C LEU A 80 5.88 -11.60 -0.99
N VAL A 81 5.61 -10.37 -0.56
CA VAL A 81 6.26 -9.23 -1.20
C VAL A 81 7.77 -9.24 -1.00
N MET A 82 8.28 -9.38 0.22
CA MET A 82 9.71 -9.27 0.45
C MET A 82 10.48 -10.42 -0.19
N GLN A 83 9.77 -11.50 -0.51
CA GLN A 83 10.45 -12.68 -1.05
C GLN A 83 10.37 -12.68 -2.57
N SER A 84 9.52 -11.80 -3.12
CA SER A 84 9.35 -11.84 -4.59
C SER A 84 10.67 -11.54 -5.30
N LYS A 85 10.83 -12.04 -6.53
CA LYS A 85 12.06 -11.76 -7.27
C LYS A 85 12.18 -10.29 -7.56
N VAL A 86 11.02 -9.67 -7.78
CA VAL A 86 11.00 -8.24 -8.08
C VAL A 86 11.51 -7.44 -6.90
N PHE A 87 10.98 -7.68 -5.71
CA PHE A 87 11.55 -6.99 -4.56
C PHE A 87 13.04 -7.27 -4.38
N GLN A 88 13.39 -8.56 -4.41
CA GLN A 88 14.78 -8.92 -4.19
C GLN A 88 15.73 -8.34 -5.24
N ALA A 89 15.23 -8.02 -6.43
CA ALA A 89 16.12 -7.41 -7.41
C ALA A 89 16.38 -5.93 -7.20
N VAL A 90 15.38 -5.20 -6.70
CA VAL A 90 15.40 -3.77 -6.44
C VAL A 90 16.09 -3.47 -5.10
N LEU A 91 15.75 -4.25 -4.08
CA LEU A 91 16.24 -4.07 -2.71
C LEU A 91 16.84 -5.34 -2.15
N PRO A 92 17.98 -5.74 -2.70
CA PRO A 92 18.62 -6.96 -2.24
C PRO A 92 19.09 -6.83 -0.79
N GLN A 93 19.15 -7.99 -0.11
CA GLN A 93 19.62 -8.05 1.25
C GLN A 93 20.71 -9.10 1.43
N SER A 94 21.53 -8.91 2.43
CA SER A 94 22.60 -9.85 2.74
C SER A 94 23.13 -9.64 4.15
N GLU A 95 23.63 -10.68 4.83
CA GLU A 95 24.38 -10.44 6.03
C GLU A 95 25.71 -9.72 5.80
N ASP A 96 26.31 -9.82 4.65
CA ASP A 96 27.42 -9.09 4.14
C ASP A 96 26.96 -7.75 3.64
N CYS A 97 26.76 -6.83 4.59
CA CYS A 97 26.10 -5.55 4.32
C CYS A 97 26.79 -4.34 4.92
N LEU A 98 27.98 -4.43 5.52
CA LEU A 98 28.52 -3.26 6.22
C LEU A 98 29.31 -2.37 5.29
N THR A 99 28.53 -1.51 4.61
CA THR A 99 28.99 -0.55 3.67
C THR A 99 28.63 0.88 4.11
N ILE A 100 29.36 1.81 3.58
CA ILE A 100 29.16 3.24 3.78
C ILE A 100 29.14 3.95 2.44
N ASN A 101 28.44 5.08 2.36
CA ASN A 101 28.13 5.79 1.15
C ASN A 101 28.42 7.27 1.29
N VAL A 102 29.20 7.82 0.35
CA VAL A 102 29.60 9.21 0.43
C VAL A 102 29.05 9.93 -0.81
N VAL A 103 28.22 10.95 -0.61
CA VAL A 103 27.65 11.69 -1.73
C VAL A 103 27.99 13.16 -1.56
N ARG A 104 28.69 13.74 -2.52
CA ARG A 104 29.23 15.09 -2.38
C ARG A 104 28.79 16.00 -3.52
N PRO A 105 28.87 17.31 -3.31
CA PRO A 105 28.52 18.22 -4.43
C PRO A 105 29.39 18.00 -5.64
N PRO A 106 28.83 18.33 -6.80
CA PRO A 106 29.63 18.28 -8.04
C PRO A 106 30.92 19.10 -7.91
N GLY A 107 32.05 18.58 -8.37
CA GLY A 107 33.32 19.29 -8.45
C GLY A 107 34.09 19.34 -7.14
N THR A 108 33.55 18.77 -6.07
CA THR A 108 34.21 18.79 -4.77
C THR A 108 35.52 18.03 -4.85
N LYS A 109 36.56 18.63 -4.31
CA LYS A 109 37.88 17.99 -4.30
C LYS A 109 38.34 17.72 -2.87
N ALA A 110 39.26 16.74 -2.74
CA ALA A 110 40.04 16.56 -1.50
C ALA A 110 40.47 17.92 -0.99
N GLY A 111 40.27 18.20 0.30
CA GLY A 111 40.79 19.51 0.73
C GLY A 111 39.71 20.55 0.82
N ALA A 112 38.54 20.28 0.23
CA ALA A 112 37.41 21.21 0.28
C ALA A 112 36.94 21.49 1.71
N ASN A 113 37.17 20.54 2.62
CA ASN A 113 36.89 20.67 4.03
C ASN A 113 35.45 21.06 4.30
N LEU A 114 34.56 20.37 3.61
CA LEU A 114 33.12 20.62 3.78
C LEU A 114 32.55 19.98 5.03
N PRO A 115 31.54 20.63 5.62
CA PRO A 115 30.77 19.96 6.69
C PRO A 115 30.18 18.64 6.19
N VAL A 116 30.07 17.69 7.10
CA VAL A 116 29.56 16.36 6.79
C VAL A 116 28.26 16.14 7.56
N MET A 117 27.22 15.70 6.86
CA MET A 117 25.97 15.28 7.48
C MET A 117 25.96 13.76 7.39
N LEU A 118 26.10 13.13 8.54
CA LEU A 118 26.21 11.69 8.62
C LEU A 118 24.84 11.12 9.01
N TRP A 119 24.20 10.50 8.02
CA TRP A 119 22.86 10.00 8.16
C TRP A 119 22.82 8.59 8.75
N ILE A 120 21.96 8.38 9.73
CA ILE A 120 21.73 7.08 10.33
C ILE A 120 20.25 6.76 10.07
N PHE A 121 20.01 5.79 9.17
CA PHE A 121 18.64 5.51 8.78
C PHE A 121 17.84 4.93 9.92
N GLY A 122 16.51 5.03 9.76
CA GLY A 122 15.62 4.37 10.66
C GLY A 122 14.80 3.31 9.99
N GLY A 123 14.28 2.44 10.78
CA GLY A 123 13.44 1.32 10.36
C GLY A 123 13.09 0.45 11.53
N GLY A 124 12.78 1.05 12.68
CA GLY A 124 12.43 0.23 13.81
C GLY A 124 13.50 -0.63 14.41
N PHE A 125 14.77 -0.37 14.08
CA PHE A 125 15.85 -1.26 14.39
C PHE A 125 15.63 -2.65 13.79
N GLU A 126 14.81 -2.75 12.78
CA GLU A 126 14.43 -4.03 12.18
C GLU A 126 14.45 -4.10 10.65
N ILE A 127 14.28 -2.96 9.98
CA ILE A 127 14.37 -2.80 8.54
C ILE A 127 15.14 -1.54 8.20
N GLY A 128 15.29 -1.33 6.89
CA GLY A 128 15.88 -0.11 6.40
C GLY A 128 17.27 -0.31 5.83
N SER A 129 17.76 0.68 5.12
CA SER A 129 19.13 0.75 4.66
C SER A 129 19.39 2.14 4.09
N PRO A 130 20.62 2.51 3.82
CA PRO A 130 20.86 3.80 3.16
C PRO A 130 20.22 4.03 1.80
N THR A 131 19.94 3.01 1.04
CA THR A 131 19.43 2.99 -0.28
C THR A 131 18.12 3.78 -0.42
N ILE A 132 17.25 3.70 0.59
CA ILE A 132 15.94 4.32 0.43
C ILE A 132 15.83 5.72 1.04
N PHE A 133 16.93 6.36 1.34
CA PHE A 133 17.01 7.71 1.88
C PHE A 133 17.88 8.57 0.96
N PRO A 134 17.37 8.87 -0.24
CA PRO A 134 18.24 9.54 -1.23
C PRO A 134 18.77 10.90 -0.78
N PRO A 135 20.09 11.07 -0.86
CA PRO A 135 20.69 12.32 -0.41
C PRO A 135 20.66 13.47 -1.41
N ALA A 136 20.20 13.27 -2.64
CA ALA A 136 20.33 14.33 -3.63
C ALA A 136 19.66 15.65 -3.26
N GLN A 137 18.45 15.62 -2.73
CA GLN A 137 17.73 16.81 -2.34
C GLN A 137 18.52 17.65 -1.33
N MET A 138 19.05 16.98 -0.31
CA MET A 138 19.90 17.68 0.67
C MET A 138 21.15 18.28 0.02
N VAL A 139 21.84 17.47 -0.79
CA VAL A 139 23.11 17.94 -1.32
C VAL A 139 22.87 19.11 -2.28
N THR A 140 21.91 18.97 -3.18
CA THR A 140 21.56 20.07 -4.10
C THR A 140 21.17 21.34 -3.38
N LYS A 141 20.34 21.22 -2.35
CA LYS A 141 19.96 22.41 -1.59
C LYS A 141 21.17 23.06 -0.95
N SER A 142 22.09 22.27 -0.40
CA SER A 142 23.24 22.85 0.29
C SER A 142 24.04 23.71 -0.67
N VAL A 143 24.21 23.26 -1.91
CA VAL A 143 24.92 24.07 -2.90
C VAL A 143 24.15 25.36 -3.20
N LEU A 144 22.83 25.24 -3.38
CA LEU A 144 21.98 26.38 -3.66
C LEU A 144 22.13 27.46 -2.58
N MET A 145 22.29 27.00 -1.36
CA MET A 145 22.39 27.86 -0.21
C MET A 145 23.78 28.48 -0.07
N GLY A 146 24.75 28.01 -0.85
CA GLY A 146 26.11 28.50 -0.60
C GLY A 146 26.71 27.89 0.66
N LYS A 147 26.14 26.79 1.14
CA LYS A 147 26.57 26.03 2.31
C LYS A 147 26.70 24.57 1.93
N PRO A 148 27.58 24.24 0.98
CA PRO A 148 27.69 22.86 0.54
C PRO A 148 28.09 21.88 1.63
N ILE A 149 27.46 20.69 1.60
CA ILE A 149 27.76 19.64 2.57
C ILE A 149 28.02 18.33 1.81
N ILE A 150 28.65 17.42 2.53
CA ILE A 150 28.81 16.06 2.09
C ILE A 150 27.92 15.16 2.94
N HIS A 151 27.13 14.32 2.29
CA HIS A 151 26.20 13.41 2.94
C HIS A 151 26.85 12.03 3.02
N VAL A 152 26.95 11.46 4.21
CA VAL A 152 27.48 10.13 4.39
C VAL A 152 26.41 9.26 5.02
N ALA A 153 26.11 8.11 4.48
CA ALA A 153 25.10 7.23 5.10
C ALA A 153 25.74 5.90 5.40
N VAL A 154 25.72 5.48 6.66
CA VAL A 154 26.32 4.25 7.12
C VAL A 154 25.26 3.15 7.21
N ASN A 155 25.60 1.99 6.68
CA ASN A 155 24.75 0.83 6.93
C ASN A 155 25.00 0.21 8.29
N TYR A 156 24.02 -0.46 8.87
CA TYR A 156 24.23 -1.12 10.16
C TYR A 156 23.27 -2.30 10.27
N ARG A 157 23.63 -3.29 11.07
CA ARG A 157 22.79 -4.49 11.21
C ARG A 157 21.54 -4.16 12.02
N VAL A 158 20.42 -4.73 11.55
CA VAL A 158 19.14 -4.59 12.21
C VAL A 158 18.58 -5.94 12.66
N ALA A 159 17.48 -5.85 13.36
CA ALA A 159 16.75 -7.00 13.90
C ALA A 159 17.67 -7.90 14.69
N SER A 160 17.52 -9.22 14.57
CA SER A 160 18.29 -10.16 15.37
C SER A 160 19.78 -10.04 15.08
N TRP A 161 20.16 -9.76 13.83
CA TRP A 161 21.55 -9.69 13.43
C TRP A 161 22.23 -8.53 14.14
N GLY A 162 21.52 -7.45 14.37
CA GLY A 162 22.11 -6.25 14.93
C GLY A 162 21.81 -6.01 16.39
N PHE A 163 20.73 -6.56 16.93
CA PHE A 163 20.26 -6.21 18.27
C PHE A 163 19.78 -7.43 19.05
N LEU A 164 20.43 -8.58 18.80
CA LEU A 164 20.12 -9.72 19.65
C LEU A 164 20.54 -9.38 21.06
N ALA A 165 19.83 -9.87 22.07
CA ALA A 165 20.09 -9.52 23.45
C ALA A 165 20.05 -10.78 24.29
N GLY A 166 19.82 -10.67 25.59
CA GLY A 166 19.77 -11.77 26.52
C GLY A 166 21.10 -12.03 27.21
N ASP A 167 21.12 -13.02 28.09
CA ASP A 167 22.22 -13.26 29.00
C ASP A 167 23.49 -13.63 28.28
N ASP A 168 23.40 -14.42 27.23
CA ASP A 168 24.60 -14.94 26.55
C ASP A 168 25.28 -13.79 25.81
N ILE A 169 24.48 -12.95 25.14
CA ILE A 169 25.00 -11.76 24.46
C ILE A 169 25.66 -10.87 25.47
N LYS A 170 25.00 -10.61 26.60
CA LYS A 170 25.61 -9.70 27.59
C LYS A 170 26.94 -10.24 28.08
N ALA A 171 26.98 -11.54 28.37
CA ALA A 171 28.19 -12.12 28.94
C ALA A 171 29.37 -12.10 27.98
N GLU A 172 29.09 -12.18 26.70
CA GLU A 172 30.09 -12.09 25.65
C GLU A 172 30.54 -10.66 25.37
N GLY A 173 29.78 -9.66 25.79
CA GLY A 173 30.07 -8.28 25.47
C GLY A 173 29.60 -7.88 24.09
N SER A 174 28.55 -8.55 23.60
CA SER A 174 28.12 -8.34 22.23
C SER A 174 26.83 -7.57 22.11
N GLY A 175 26.50 -6.74 23.08
CA GLY A 175 25.29 -5.95 22.99
C GLY A 175 25.34 -4.90 21.92
N ASN A 176 24.18 -4.56 21.36
CA ASN A 176 24.04 -3.39 20.50
C ASN A 176 24.97 -3.42 19.30
N ALA A 177 25.11 -4.60 18.68
CA ALA A 177 25.98 -4.74 17.50
C ALA A 177 25.71 -3.66 16.45
N GLY A 178 24.45 -3.37 16.12
CA GLY A 178 24.22 -2.39 15.09
C GLY A 178 24.64 -0.99 15.49
N LEU A 179 24.56 -0.62 16.76
CA LEU A 179 25.14 0.67 17.16
C LEU A 179 26.65 0.65 16.99
N LYS A 180 27.29 -0.48 17.27
CA LYS A 180 28.74 -0.59 17.06
C LYS A 180 29.10 -0.45 15.60
N ASP A 181 28.24 -0.98 14.71
CA ASP A 181 28.43 -0.77 13.30
C ASP A 181 28.43 0.73 12.94
N GLN A 182 27.41 1.43 13.46
CA GLN A 182 27.34 2.87 13.21
C GLN A 182 28.59 3.57 13.75
N ARG A 183 29.01 3.19 14.94
CA ARG A 183 30.17 3.85 15.58
C ARG A 183 31.44 3.60 14.77
N LEU A 184 31.60 2.38 14.27
CA LEU A 184 32.76 2.09 13.41
C LEU A 184 32.70 2.91 12.14
N GLY A 185 31.53 3.07 11.56
CA GLY A 185 31.38 3.97 10.44
C GLY A 185 31.75 5.41 10.73
N MET A 186 31.42 5.91 11.94
CA MET A 186 31.85 7.23 12.36
C MET A 186 33.36 7.33 12.43
N GLN A 187 34.02 6.29 12.92
CA GLN A 187 35.48 6.23 12.93
C GLN A 187 36.05 6.22 11.51
N TRP A 188 35.39 5.50 10.62
CA TRP A 188 35.78 5.45 9.23
C TRP A 188 35.72 6.87 8.62
N VAL A 189 34.63 7.59 8.94
CA VAL A 189 34.51 8.96 8.44
C VAL A 189 35.68 9.79 8.99
N ALA A 190 35.96 9.68 10.30
CA ALA A 190 37.03 10.45 10.90
C ALA A 190 38.34 10.23 10.15
N ASP A 191 38.64 8.98 9.82
CA ASP A 191 39.93 8.62 9.24
C ASP A 191 39.97 8.92 7.74
N ASN A 192 38.84 8.83 7.04
CA ASN A 192 38.85 8.78 5.59
C ASN A 192 38.17 9.96 4.90
N ILE A 193 37.31 10.72 5.56
CA ILE A 193 36.46 11.63 4.79
C ILE A 193 37.24 12.76 4.16
N ALA A 194 38.37 13.15 4.68
CA ALA A 194 39.16 14.26 4.15
C ALA A 194 39.49 14.00 2.68
N GLY A 195 39.77 12.77 2.29
CA GLY A 195 40.10 12.39 0.94
C GLY A 195 38.96 12.66 -0.05
N PHE A 196 37.75 12.81 0.45
CA PHE A 196 36.56 13.04 -0.35
C PHE A 196 36.19 14.51 -0.42
N GLY A 197 36.83 15.33 0.39
CA GLY A 197 36.49 16.75 0.46
C GLY A 197 35.78 17.12 1.75
N GLY A 198 35.70 16.22 2.73
CA GLY A 198 35.02 16.49 3.96
C GLY A 198 35.94 16.94 5.08
N ASP A 199 35.43 17.68 6.04
CA ASP A 199 36.13 18.07 7.25
C ASP A 199 35.71 17.12 8.38
N PRO A 200 36.57 16.19 8.79
CA PRO A 200 36.15 15.24 9.87
C PRO A 200 35.83 15.95 11.16
N SER A 201 36.26 17.20 11.32
CA SER A 201 35.97 17.94 12.54
C SER A 201 34.67 18.72 12.46
N LYS A 202 33.99 18.54 11.33
CA LYS A 202 32.68 19.18 11.19
C LYS A 202 31.61 18.15 10.80
N VAL A 203 31.53 17.07 11.54
CA VAL A 203 30.49 16.08 11.34
C VAL A 203 29.30 16.33 12.25
N THR A 204 28.13 16.41 11.63
CA THR A 204 26.87 16.40 12.32
C THR A 204 26.18 15.06 12.08
N ILE A 205 25.85 14.36 13.17
CA ILE A 205 25.12 13.09 12.98
C ILE A 205 23.62 13.39 13.01
N PHE A 206 22.88 12.73 12.12
CA PHE A 206 21.43 12.96 12.08
C PHE A 206 20.74 11.65 11.69
N GLY A 207 19.51 11.51 12.12
CA GLY A 207 18.74 10.34 11.82
C GLY A 207 17.30 10.55 12.19
N GLU A 208 16.46 9.63 11.70
CA GLU A 208 15.02 9.72 11.91
C GLU A 208 14.56 8.42 12.54
N SER A 209 13.69 8.56 13.53
CA SER A 209 13.04 7.42 14.22
C SER A 209 14.11 6.54 14.83
N ALA A 210 14.33 5.30 14.43
CA ALA A 210 15.40 4.51 15.04
C ALA A 210 16.75 5.18 14.83
N GLY A 211 16.91 5.91 13.73
CA GLY A 211 18.13 6.67 13.50
C GLY A 211 18.29 7.85 14.39
N SER A 212 17.17 8.45 14.82
CA SER A 212 17.17 9.57 15.75
C SER A 212 17.54 9.08 17.15
N MET A 213 16.90 7.97 17.57
CA MET A 213 17.28 7.33 18.82
C MET A 213 18.73 6.89 18.79
N SER A 214 19.20 6.45 17.63
CA SER A 214 20.62 6.11 17.50
C SER A 214 21.48 7.33 17.75
N VAL A 215 21.11 8.49 17.24
CA VAL A 215 21.86 9.70 17.56
C VAL A 215 21.91 9.93 19.07
N LEU A 216 20.78 9.80 19.75
CA LEU A 216 20.83 9.95 21.21
C LEU A 216 21.82 8.94 21.77
N CYS A 217 21.77 7.69 21.36
CA CYS A 217 22.66 6.68 21.86
C CYS A 217 24.11 7.09 21.65
N HIS A 218 24.42 7.70 20.51
CA HIS A 218 25.78 8.19 20.28
C HIS A 218 26.15 9.35 21.20
N LEU A 219 25.20 10.13 21.68
CA LEU A 219 25.48 11.16 22.68
C LEU A 219 25.84 10.58 24.03
N ILE A 220 25.17 9.49 24.41
CA ILE A 220 25.46 8.92 25.75
C ILE A 220 26.44 7.76 25.74
N TRP A 221 26.85 7.36 24.55
CA TRP A 221 27.78 6.25 24.35
C TRP A 221 29.04 6.49 25.18
N ASN A 222 29.57 5.48 25.86
CA ASN A 222 30.75 5.62 26.67
C ASN A 222 30.62 6.79 27.64
N ASP A 223 29.42 6.89 28.21
CA ASP A 223 29.08 7.93 29.20
C ASP A 223 29.37 9.34 28.67
N GLY A 224 29.31 9.51 27.33
CA GLY A 224 29.41 10.81 26.73
C GLY A 224 30.77 11.18 26.19
N ASP A 225 31.73 10.26 26.26
CA ASP A 225 33.03 10.41 25.62
C ASP A 225 32.86 10.04 24.14
N ASN A 226 32.78 11.06 23.28
CA ASN A 226 32.57 10.83 21.86
C ASN A 226 33.84 10.90 21.05
N THR A 227 34.98 10.75 21.72
CA THR A 227 36.24 10.90 20.98
C THR A 227 36.75 9.60 20.40
N TYR A 228 37.60 9.78 19.40
CA TYR A 228 38.35 8.74 18.71
C TYR A 228 39.71 9.33 18.41
N LYS A 229 40.79 8.71 18.81
CA LYS A 229 42.12 9.30 18.69
C LYS A 229 42.13 10.67 19.34
N GLY A 230 41.36 10.82 20.42
CA GLY A 230 41.35 12.03 21.18
C GLY A 230 40.53 13.17 20.60
N LYS A 231 39.88 12.94 19.47
CA LYS A 231 39.12 13.95 18.74
C LYS A 231 37.63 13.59 18.71
N PRO A 232 36.71 14.53 18.94
CA PRO A 232 35.29 14.16 18.80
C PRO A 232 34.96 13.55 17.43
N LEU A 233 34.10 12.53 17.48
CA LEU A 233 33.60 11.91 16.25
C LEU A 233 32.52 12.74 15.58
N PHE A 234 31.95 13.72 16.29
CA PHE A 234 30.90 14.59 15.77
C PHE A 234 30.84 15.83 16.66
N ARG A 235 30.31 16.89 16.12
CA ARG A 235 30.24 18.19 16.79
C ARG A 235 28.83 18.68 16.98
N ALA A 236 27.83 17.92 16.52
CA ALA A 236 26.43 18.31 16.61
C ALA A 236 25.56 17.09 16.33
N GLY A 237 24.31 17.11 16.74
CA GLY A 237 23.35 16.08 16.42
C GLY A 237 21.99 16.60 16.03
N ILE A 238 21.28 15.93 15.12
CA ILE A 238 19.92 16.22 14.75
C ILE A 238 19.07 14.96 14.88
N MET A 239 18.02 15.08 15.67
CA MET A 239 17.13 13.97 16.04
C MET A 239 15.74 14.23 15.46
N GLN A 240 15.42 13.58 14.37
CA GLN A 240 14.08 13.62 13.77
C GLN A 240 13.24 12.50 14.39
N SER A 241 12.45 12.80 15.40
CA SER A 241 11.56 11.86 16.06
C SER A 241 12.25 10.71 16.80
N GLY A 242 12.60 10.99 18.06
CA GLY A 242 13.19 9.99 18.93
C GLY A 242 14.41 10.48 19.67
N ALA A 243 14.45 10.18 20.96
CA ALA A 243 15.58 10.48 21.83
C ALA A 243 15.92 9.19 22.58
N MET A 244 15.82 9.17 23.89
CA MET A 244 16.18 7.96 24.65
C MET A 244 15.35 6.77 24.22
N VAL A 245 15.98 5.59 24.21
CA VAL A 245 15.28 4.33 24.07
C VAL A 245 14.77 3.90 25.44
N PRO A 246 13.47 3.69 25.60
CA PRO A 246 12.93 3.34 26.91
C PRO A 246 13.02 1.83 27.13
N SER A 247 14.25 1.40 27.34
CA SER A 247 14.52 -0.03 27.39
C SER A 247 15.31 -0.46 28.64
N ASP A 248 14.90 -1.61 29.13
CA ASP A 248 15.62 -2.39 30.09
C ASP A 248 16.94 -2.86 29.54
N PRO A 249 17.87 -3.30 30.39
CA PRO A 249 19.16 -3.81 29.90
C PRO A 249 19.08 -5.05 29.01
N VAL A 250 20.20 -5.29 28.35
CA VAL A 250 20.40 -6.39 27.43
C VAL A 250 19.94 -7.72 28.07
N ASP A 251 20.27 -7.93 29.34
CA ASP A 251 20.00 -9.18 30.05
C ASP A 251 18.74 -9.11 30.89
N GLY A 252 17.84 -8.18 30.57
CA GLY A 252 16.56 -8.13 31.27
C GLY A 252 15.55 -9.09 30.69
N THR A 253 14.30 -8.90 31.08
CA THR A 253 13.23 -9.86 30.83
C THR A 253 12.98 -10.04 29.35
N TYR A 254 12.67 -8.94 28.63
CA TYR A 254 12.21 -9.16 27.28
C TYR A 254 13.38 -9.44 26.36
N GLY A 255 14.59 -8.92 26.64
CA GLY A 255 15.74 -9.32 25.86
C GLY A 255 15.97 -10.82 25.90
N ASN A 256 15.84 -11.41 27.06
CA ASN A 256 15.97 -12.86 27.24
C ASN A 256 14.77 -13.59 26.63
N GLU A 257 13.57 -13.02 26.72
CA GLU A 257 12.40 -13.68 26.19
C GLU A 257 12.51 -13.80 24.67
N ILE A 258 12.91 -12.71 24.02
CA ILE A 258 13.10 -12.77 22.58
C ILE A 258 14.26 -13.66 22.20
N TYR A 259 15.35 -13.60 22.94
CA TYR A 259 16.47 -14.48 22.65
C TYR A 259 16.02 -15.94 22.68
N ASP A 260 15.26 -16.29 23.72
CA ASP A 260 14.85 -17.69 23.85
C ASP A 260 13.96 -18.11 22.70
N LEU A 261 13.06 -17.24 22.29
CA LEU A 261 12.16 -17.50 21.17
C LEU A 261 12.96 -17.66 19.87
N PHE A 262 13.91 -16.77 19.64
CA PHE A 262 14.79 -16.80 18.48
C PHE A 262 15.58 -18.11 18.46
N VAL A 263 16.25 -18.42 19.56
CA VAL A 263 17.03 -19.65 19.64
C VAL A 263 16.18 -20.86 19.29
N SER A 264 15.00 -20.91 19.88
CA SER A 264 14.14 -22.08 19.70
C SER A 264 13.71 -22.21 18.24
N SER A 265 13.31 -21.04 17.70
CA SER A 265 12.83 -21.00 16.35
C SER A 265 13.94 -21.34 15.35
N ALA A 266 15.18 -21.10 15.70
CA ALA A 266 16.33 -21.38 14.85
C ALA A 266 16.81 -22.82 14.95
N GLY A 267 16.15 -23.66 15.75
CA GLY A 267 16.52 -25.03 15.91
C GLY A 267 17.65 -25.23 16.91
N CYS A 268 17.94 -24.23 17.75
CA CYS A 268 19.07 -24.31 18.65
C CYS A 268 18.67 -24.49 20.12
N GLY A 269 17.42 -24.87 20.37
CA GLY A 269 16.97 -24.99 21.74
C GLY A 269 17.64 -26.03 22.59
N SER A 270 18.26 -27.06 22.00
CA SER A 270 18.96 -28.11 22.73
C SER A 270 20.43 -27.80 22.85
N ALA A 271 20.87 -26.62 22.43
CA ALA A 271 22.29 -26.31 22.48
C ALA A 271 22.77 -25.92 23.85
N SER A 272 23.93 -26.39 24.27
CA SER A 272 24.64 -25.90 25.43
C SER A 272 25.34 -24.59 25.07
N ASP A 273 25.73 -24.40 23.83
CA ASP A 273 26.38 -23.17 23.37
C ASP A 273 25.48 -22.56 22.29
N LYS A 274 24.50 -21.77 22.75
CA LYS A 274 23.45 -21.29 21.87
C LYS A 274 23.97 -20.30 20.84
N LEU A 275 24.90 -19.44 21.23
CA LEU A 275 25.44 -18.49 20.27
C LEU A 275 26.23 -19.23 19.20
N ALA A 276 27.01 -20.25 19.56
CA ALA A 276 27.75 -21.02 18.55
C ALA A 276 26.77 -21.74 17.62
N CYS A 277 25.67 -22.25 18.17
CA CYS A 277 24.64 -22.92 17.35
C CYS A 277 24.03 -21.93 16.36
N LEU A 278 23.67 -20.75 16.83
CA LEU A 278 23.14 -19.71 15.95
C LEU A 278 24.13 -19.32 14.86
N ARG A 279 25.38 -19.21 15.28
CA ARG A 279 26.42 -18.79 14.35
C ARG A 279 26.65 -19.84 13.25
N SER A 280 26.25 -21.09 13.50
CA SER A 280 26.38 -22.17 12.57
C SER A 280 25.18 -22.35 11.65
N ALA A 281 24.08 -21.67 11.95
CA ALA A 281 22.86 -21.88 11.18
C ALA A 281 22.96 -21.27 9.79
N SER A 282 22.16 -21.72 8.84
CA SER A 282 22.10 -21.06 7.55
C SER A 282 21.48 -19.67 7.66
N SER A 283 21.75 -18.82 6.68
CA SER A 283 21.15 -17.51 6.61
C SER A 283 19.64 -17.60 6.60
N ASP A 284 19.07 -18.50 5.81
CA ASP A 284 17.63 -18.65 5.73
C ASP A 284 17.01 -19.06 7.06
N THR A 285 17.62 -19.91 7.85
CA THR A 285 17.22 -20.38 9.13
C THR A 285 17.15 -19.16 10.04
N LEU A 286 18.17 -18.30 10.04
CA LEU A 286 18.09 -17.15 10.94
C LEU A 286 17.02 -16.17 10.49
N LEU A 287 16.83 -16.01 9.20
CA LEU A 287 15.77 -15.16 8.67
C LEU A 287 14.41 -15.65 9.10
N ASP A 288 14.14 -16.94 8.90
CA ASP A 288 12.85 -17.48 9.32
C ASP A 288 12.66 -17.36 10.82
N ALA A 289 13.72 -17.61 11.59
CA ALA A 289 13.57 -17.46 13.04
C ALA A 289 13.25 -16.03 13.44
N THR A 290 13.90 -15.08 12.79
CA THR A 290 13.63 -13.66 13.07
C THR A 290 12.19 -13.31 12.76
N ASN A 291 11.65 -13.89 11.66
CA ASN A 291 10.29 -13.56 11.24
C ASN A 291 9.27 -14.30 12.09
N ASN A 292 9.73 -15.19 12.97
CA ASN A 292 8.91 -15.85 13.97
C ASN A 292 8.94 -15.11 15.30
N THR A 293 9.53 -13.93 15.30
CA THR A 293 9.48 -13.02 16.43
C THR A 293 8.76 -11.75 16.00
N PRO A 294 8.05 -11.06 16.90
CA PRO A 294 7.26 -9.93 16.42
C PRO A 294 8.08 -8.83 15.75
N GLY A 295 7.55 -8.32 14.64
CA GLY A 295 8.02 -7.14 13.97
C GLY A 295 7.23 -5.90 14.42
N PHE A 296 7.70 -4.70 14.07
CA PHE A 296 7.16 -3.49 14.69
C PHE A 296 5.71 -3.18 14.28
N LEU A 297 5.15 -3.79 13.26
CA LEU A 297 3.75 -3.63 12.90
C LEU A 297 2.87 -4.74 13.44
N ALA A 298 3.43 -5.77 14.04
CA ALA A 298 2.63 -6.76 14.71
C ALA A 298 1.97 -6.18 15.95
N TYR A 299 1.10 -6.98 16.58
CA TYR A 299 0.35 -6.52 17.75
C TYR A 299 1.23 -5.93 18.83
N SER A 300 2.38 -6.53 19.10
CA SER A 300 3.31 -6.04 20.10
C SER A 300 3.76 -4.61 19.83
N SER A 301 3.72 -4.18 18.58
CA SER A 301 3.90 -2.79 18.16
C SER A 301 5.26 -2.28 18.60
N LEU A 302 5.28 -1.08 19.19
CA LEU A 302 6.57 -0.52 19.58
C LEU A 302 7.20 -1.19 20.78
N ARG A 303 6.62 -2.23 21.37
CA ARG A 303 7.36 -3.07 22.31
C ARG A 303 8.26 -3.97 21.44
N LEU A 304 9.35 -3.38 20.98
CA LEU A 304 10.14 -3.98 19.92
C LEU A 304 10.91 -5.23 20.36
N SER A 305 11.02 -6.17 19.43
CA SER A 305 11.80 -7.37 19.67
C SER A 305 13.30 -7.07 19.67
N TYR A 306 13.70 -6.01 18.94
CA TYR A 306 15.09 -5.67 18.66
C TYR A 306 15.24 -4.18 18.81
N LEU A 307 16.06 -3.71 19.74
CA LEU A 307 16.27 -2.28 19.94
C LEU A 307 17.49 -2.09 20.83
N PRO A 308 18.10 -0.93 20.86
CA PRO A 308 19.22 -0.72 21.75
C PRO A 308 18.82 -0.83 23.22
N ARG A 309 19.73 -1.40 24.02
CA ARG A 309 19.50 -1.65 25.41
C ARG A 309 20.75 -1.36 26.23
N PRO A 310 20.63 -0.79 27.43
CA PRO A 310 21.84 -0.65 28.27
C PRO A 310 22.57 -1.99 28.43
N ASP A 311 23.90 -1.92 28.29
CA ASP A 311 24.69 -3.15 28.32
C ASP A 311 25.73 -3.10 29.42
N GLY A 312 25.78 -2.03 30.19
CA GLY A 312 26.77 -1.97 31.28
C GLY A 312 28.17 -1.66 30.79
N LYS A 313 28.33 -1.51 29.47
CA LYS A 313 29.64 -1.38 28.86
C LYS A 313 29.74 -0.08 28.07
N ASN A 314 29.02 0.07 26.98
CA ASN A 314 28.99 1.25 26.14
C ASN A 314 27.76 2.10 26.36
N ILE A 315 26.66 1.48 26.77
CA ILE A 315 25.47 2.19 27.29
C ILE A 315 25.32 1.74 28.73
N THR A 316 25.81 2.58 29.65
CA THR A 316 26.10 1.98 30.94
C THR A 316 24.90 1.86 31.86
N ASP A 317 23.77 2.46 31.48
CA ASP A 317 22.59 2.44 32.35
C ASP A 317 21.39 2.90 31.57
N ASP A 318 20.21 2.78 32.17
CA ASP A 318 18.99 3.47 31.80
C ASP A 318 19.28 4.79 31.13
N MET A 319 18.84 4.93 29.86
CA MET A 319 19.25 6.09 29.11
C MET A 319 18.60 7.37 29.62
N TYR A 320 17.42 7.32 30.23
CA TYR A 320 16.82 8.48 30.89
C TYR A 320 17.74 8.92 32.02
N LYS A 321 18.23 7.95 32.78
CA LYS A 321 19.11 8.31 33.90
C LYS A 321 20.43 8.86 33.38
N LEU A 322 20.98 8.31 32.29
CA LEU A 322 22.23 8.86 31.72
C LEU A 322 22.06 10.33 31.39
N VAL A 323 20.90 10.68 30.80
CA VAL A 323 20.67 12.05 30.42
C VAL A 323 20.44 12.91 31.67
N ARG A 324 19.64 12.45 32.63
CA ARG A 324 19.50 13.17 33.88
C ARG A 324 20.83 13.45 34.56
N ASP A 325 21.74 12.48 34.53
CA ASP A 325 23.00 12.55 35.26
C ASP A 325 24.14 13.18 34.47
N GLY A 326 23.89 13.65 33.25
CA GLY A 326 24.87 14.44 32.53
C GLY A 326 25.88 13.62 31.76
N LYS A 327 25.62 12.35 31.52
CA LYS A 327 26.57 11.44 30.88
C LYS A 327 26.39 11.43 29.37
N TYR A 328 26.64 12.59 28.77
CA TYR A 328 26.49 12.81 27.33
C TYR A 328 27.59 13.74 26.85
N ALA A 329 27.79 13.71 25.55
CA ALA A 329 28.69 14.57 24.82
C ALA A 329 28.12 16.00 24.83
N SER A 330 29.03 16.96 24.95
CA SER A 330 28.61 18.36 24.97
C SER A 330 28.63 18.92 23.57
N VAL A 331 27.51 18.79 22.85
CA VAL A 331 27.32 19.31 21.51
C VAL A 331 25.94 19.97 21.46
N PRO A 332 25.79 20.93 20.57
CA PRO A 332 24.44 21.47 20.31
C PRO A 332 23.62 20.47 19.51
N VAL A 333 22.31 20.57 19.68
CA VAL A 333 21.38 19.64 19.05
C VAL A 333 20.13 20.33 18.54
N ILE A 334 19.59 19.69 17.49
CA ILE A 334 18.21 19.92 17.07
C ILE A 334 17.43 18.63 17.36
N ILE A 335 16.26 18.74 17.95
CA ILE A 335 15.42 17.54 18.04
C ILE A 335 13.97 17.91 17.82
N GLY A 336 13.20 17.11 17.10
CA GLY A 336 11.80 17.46 16.89
C GLY A 336 10.93 16.26 16.63
N ASP A 337 9.67 16.53 16.35
CA ASP A 337 8.66 15.53 16.13
C ASP A 337 7.67 15.94 15.02
N GLN A 338 7.00 14.90 14.59
CA GLN A 338 5.75 15.01 13.84
C GLN A 338 4.60 14.97 14.83
N ASN A 339 3.57 15.78 14.64
CA ASN A 339 2.54 15.89 15.66
C ASN A 339 1.90 14.54 15.99
N ASP A 340 1.69 13.68 15.01
CA ASP A 340 0.92 12.46 15.20
C ASP A 340 1.78 11.22 15.01
N GLU A 341 2.92 11.21 15.70
CA GLU A 341 3.85 10.08 15.61
C GLU A 341 3.18 8.72 15.81
N GLY A 342 2.21 8.62 16.71
CA GLY A 342 1.69 7.32 17.10
C GLY A 342 0.70 6.67 16.20
N THR A 343 0.11 7.38 15.22
CA THR A 343 -1.06 6.84 14.54
C THR A 343 -0.81 5.58 13.74
N ILE A 344 0.31 5.48 13.02
CA ILE A 344 0.57 4.25 12.25
C ILE A 344 0.66 3.08 13.20
N PHE A 345 1.27 3.28 14.35
CA PHE A 345 1.46 2.19 15.31
C PHE A 345 0.18 1.81 16.00
N GLY A 346 -0.73 2.74 16.22
CA GLY A 346 -2.05 2.43 16.78
C GLY A 346 -2.83 1.53 15.84
N LEU A 347 -2.47 1.43 14.56
CA LEU A 347 -3.20 0.56 13.64
C LEU A 347 -2.91 -0.90 13.97
N SER A 348 -1.96 -1.19 14.83
CA SER A 348 -1.58 -2.55 15.14
C SER A 348 -2.40 -3.19 16.25
N SER A 349 -3.26 -2.41 16.91
CA SER A 349 -4.03 -2.94 18.02
C SER A 349 -5.52 -2.62 17.88
N LEU A 350 -6.03 -2.73 16.65
CA LEU A 350 -7.41 -2.36 16.40
C LEU A 350 -8.42 -3.38 16.90
N ASN A 351 -7.98 -4.51 17.45
CA ASN A 351 -8.89 -5.38 18.19
C ASN A 351 -9.04 -4.93 19.65
N VAL A 352 -8.34 -3.87 20.05
CA VAL A 352 -8.47 -3.30 21.39
C VAL A 352 -9.54 -2.21 21.36
N THR A 353 -10.73 -2.49 21.91
CA THR A 353 -11.84 -1.56 21.70
C THR A 353 -12.47 -1.07 22.99
N THR A 354 -12.29 -1.75 24.12
CA THR A 354 -12.90 -1.29 25.36
C THR A 354 -11.84 -0.79 26.32
N ASN A 355 -12.28 -0.09 27.37
CA ASN A 355 -11.31 0.42 28.32
C ASN A 355 -10.59 -0.73 29.02
N ALA A 356 -11.31 -1.82 29.32
CA ALA A 356 -10.65 -2.95 29.97
C ALA A 356 -9.58 -3.55 29.09
N GLN A 357 -9.78 -3.65 27.81
CA GLN A 357 -8.91 -4.21 26.82
C GLN A 357 -7.74 -3.25 26.69
N ALA A 358 -8.01 -1.95 26.68
CA ALA A 358 -6.90 -0.99 26.62
C ALA A 358 -5.97 -1.13 27.82
N ARG A 359 -6.59 -1.30 29.00
CA ARG A 359 -5.80 -1.48 30.22
C ARG A 359 -4.91 -2.71 30.10
N ALA A 360 -5.51 -3.79 29.62
CA ALA A 360 -4.74 -5.03 29.50
C ALA A 360 -3.60 -4.88 28.50
N TYR A 361 -3.84 -4.18 27.39
CA TYR A 361 -2.80 -3.93 26.38
C TYR A 361 -1.67 -3.11 26.96
N PHE A 362 -2.03 -2.05 27.69
CA PHE A 362 -1.00 -1.25 28.36
C PHE A 362 -0.23 -2.08 29.36
N LYS A 363 -0.90 -2.90 30.16
CA LYS A 363 -0.16 -3.71 31.13
C LYS A 363 0.74 -4.77 30.48
N GLN A 364 0.30 -5.35 29.37
CA GLN A 364 1.14 -6.30 28.65
C GLN A 364 2.37 -5.61 28.06
N SER A 365 2.19 -4.38 27.62
CA SER A 365 3.27 -3.61 26.99
C SER A 365 4.27 -3.05 27.99
N PHE A 366 3.77 -2.70 29.18
CA PHE A 366 4.56 -2.03 30.19
C PHE A 366 4.66 -2.93 31.40
N ILE A 367 5.53 -3.93 31.34
CA ILE A 367 5.53 -4.96 32.38
C ILE A 367 5.93 -4.48 33.77
N HIS A 368 6.52 -3.28 33.84
CA HIS A 368 7.00 -2.72 35.10
C HIS A 368 6.01 -1.75 35.72
N ALA A 369 4.95 -1.39 35.00
CA ALA A 369 4.07 -0.37 35.54
C ALA A 369 3.09 -0.95 36.54
N SER A 370 2.93 -0.27 37.68
CA SER A 370 1.98 -0.75 38.69
C SER A 370 0.56 -0.47 38.29
N ASP A 371 -0.41 -1.07 38.97
CA ASP A 371 -1.78 -0.70 38.67
C ASP A 371 -2.01 0.78 38.90
N ALA A 372 -1.42 1.40 39.91
CA ALA A 372 -1.60 2.83 40.13
C ALA A 372 -1.00 3.64 38.98
N GLU A 373 0.14 3.18 38.46
CA GLU A 373 0.78 3.91 37.36
C GLU A 373 -0.04 3.78 36.07
N ILE A 374 -0.68 2.64 35.86
CA ILE A 374 -1.61 2.48 34.77
C ILE A 374 -2.86 3.32 34.97
N ASP A 375 -3.35 3.37 36.21
CA ASP A 375 -4.48 4.27 36.43
C ASP A 375 -4.14 5.69 36.05
N THR A 376 -2.98 6.15 36.48
CA THR A 376 -2.52 7.52 36.21
C THR A 376 -2.37 7.73 34.71
N LEU A 377 -1.83 6.76 34.02
CA LEU A 377 -1.68 6.83 32.56
C LEU A 377 -3.03 6.97 31.89
N MET A 378 -4.01 6.11 32.28
CA MET A 378 -5.30 6.09 31.62
C MET A 378 -6.17 7.28 32.01
N ALA A 379 -5.91 7.95 33.11
CA ALA A 379 -6.49 9.26 33.40
C ALA A 379 -5.90 10.36 32.54
N ALA A 380 -4.60 10.35 32.31
CA ALA A 380 -3.90 11.38 31.53
C ALA A 380 -4.21 11.27 30.04
N TYR A 381 -4.40 10.03 29.59
CA TYR A 381 -4.75 9.66 28.23
C TYR A 381 -6.13 9.00 28.27
N PRO A 382 -7.17 9.81 28.29
CA PRO A 382 -8.52 9.27 28.48
C PRO A 382 -9.08 8.64 27.23
N GLN A 383 -10.17 7.91 27.39
CA GLN A 383 -10.80 7.30 26.21
C GLN A 383 -11.31 8.38 25.25
N ASP A 384 -11.84 9.46 25.76
CA ASP A 384 -12.40 10.58 25.01
C ASP A 384 -11.74 10.74 23.64
N ILE A 385 -12.49 10.37 22.59
CA ILE A 385 -11.86 10.30 21.27
C ILE A 385 -11.33 11.65 20.83
N THR A 386 -11.83 12.75 21.37
CA THR A 386 -11.40 14.08 20.93
C THR A 386 -9.99 14.33 21.42
N GLN A 387 -9.54 13.62 22.46
CA GLN A 387 -8.24 14.01 23.04
C GLN A 387 -7.03 13.25 22.48
N GLY A 388 -7.30 12.25 21.66
CA GLY A 388 -6.20 11.42 21.15
C GLY A 388 -5.65 11.89 19.81
N SER A 389 -4.82 11.05 19.24
CA SER A 389 -4.07 11.32 18.02
C SER A 389 -4.73 10.63 16.82
N PRO A 390 -4.97 11.23 15.65
CA PRO A 390 -4.55 12.59 15.26
C PRO A 390 -5.12 13.72 16.11
N PHE A 391 -4.18 14.49 16.69
CA PHE A 391 -4.64 15.51 17.60
C PHE A 391 -5.45 16.60 16.94
N ASP A 392 -6.37 17.15 17.73
CA ASP A 392 -7.20 18.28 17.29
C ASP A 392 -8.14 17.90 16.14
N THR A 393 -8.58 16.64 16.15
CA THR A 393 -9.53 16.21 15.12
C THR A 393 -10.88 15.83 15.70
N GLY A 394 -11.19 16.19 16.94
CA GLY A 394 -12.56 16.03 17.43
C GLY A 394 -13.02 14.58 17.39
N ILE A 395 -14.20 14.34 16.86
CA ILE A 395 -14.76 12.99 16.76
C ILE A 395 -14.34 12.25 15.51
N PHE A 396 -13.50 12.89 14.68
CA PHE A 396 -13.00 12.23 13.48
C PHE A 396 -11.96 11.16 13.81
N ASN A 397 -11.67 10.23 12.90
CA ASN A 397 -10.60 9.27 12.98
C ASN A 397 -10.83 8.18 14.03
N ALA A 398 -12.06 8.02 14.45
CA ALA A 398 -12.43 7.07 15.51
C ALA A 398 -12.59 5.69 14.93
N ILE A 399 -11.49 5.09 14.47
CA ILE A 399 -11.55 3.74 13.92
C ILE A 399 -12.14 2.77 14.93
N THR A 400 -11.71 2.92 16.18
CA THR A 400 -12.23 2.25 17.33
C THR A 400 -12.31 3.26 18.46
N PRO A 401 -12.98 2.98 19.56
CA PRO A 401 -12.97 3.91 20.71
C PRO A 401 -11.64 4.09 21.40
N GLN A 402 -10.63 3.29 21.15
CA GLN A 402 -9.31 3.33 21.71
C GLN A 402 -8.17 3.72 20.78
N PHE A 403 -8.37 3.77 19.49
CA PHE A 403 -7.31 3.93 18.51
C PHE A 403 -6.55 5.23 18.75
N LYS A 404 -7.31 6.31 18.90
CA LYS A 404 -6.66 7.61 19.06
C LYS A 404 -5.94 7.72 20.39
N ARG A 405 -6.47 7.09 21.42
CA ARG A 405 -5.85 7.03 22.75
C ARG A 405 -4.54 6.27 22.74
N ILE A 406 -4.57 5.08 22.13
CA ILE A 406 -3.39 4.20 22.08
C ILE A 406 -2.35 4.91 21.24
N SER A 407 -2.76 5.49 20.13
CA SER A 407 -1.81 6.24 19.29
C SER A 407 -1.15 7.36 20.07
N ALA A 408 -1.95 8.08 20.86
CA ALA A 408 -1.38 9.19 21.64
C ALA A 408 -0.32 8.71 22.64
N VAL A 409 -0.61 7.62 23.35
CA VAL A 409 0.34 7.08 24.31
C VAL A 409 1.59 6.63 23.60
N LEU A 410 1.45 5.88 22.53
CA LEU A 410 2.62 5.40 21.82
C LEU A 410 3.51 6.52 21.34
N GLY A 411 2.87 7.53 20.77
CA GLY A 411 3.61 8.67 20.21
C GLY A 411 4.33 9.44 21.28
N ASP A 412 3.71 9.62 22.42
CA ASP A 412 4.31 10.45 23.47
C ASP A 412 5.43 9.72 24.17
N LEU A 413 5.29 8.45 24.49
CA LEU A 413 6.35 7.72 25.20
C LEU A 413 7.54 7.46 24.31
N ALA A 414 7.30 7.00 23.10
CA ALA A 414 8.41 6.66 22.22
C ALA A 414 9.08 7.90 21.67
N PHE A 415 8.36 9.01 21.48
CA PHE A 415 8.98 10.12 20.76
C PHE A 415 8.76 11.50 21.37
N ILE A 416 7.52 11.95 21.53
CA ILE A 416 7.23 13.36 21.78
C ILE A 416 7.54 13.81 23.20
N HIS A 417 7.12 13.07 24.20
CA HIS A 417 7.49 13.42 25.58
C HIS A 417 8.88 12.94 25.91
N ALA A 418 9.38 11.91 25.26
CA ALA A 418 10.79 11.56 25.38
C ALA A 418 11.65 12.74 24.96
N ARG A 419 11.33 13.38 23.85
CA ARG A 419 12.03 14.60 23.45
C ARG A 419 11.94 15.67 24.51
N ARG A 420 10.74 15.89 25.08
CA ARG A 420 10.65 16.94 26.10
C ARG A 420 11.50 16.60 27.31
N TYR A 421 11.56 15.34 27.74
CA TYR A 421 12.42 14.97 28.86
C TYR A 421 13.86 15.30 28.51
N PHE A 422 14.28 14.85 27.32
CA PHE A 422 15.65 15.09 26.88
C PHE A 422 15.96 16.57 26.97
N LEU A 423 15.12 17.43 26.40
CA LEU A 423 15.35 18.86 26.29
C LEU A 423 15.41 19.49 27.69
N ASN A 424 14.59 18.97 28.60
CA ASN A 424 14.58 19.56 29.95
C ASN A 424 15.83 19.20 30.72
N HIS A 425 16.48 18.10 30.42
CA HIS A 425 17.62 17.66 31.18
C HIS A 425 18.96 17.91 30.48
N PHE A 426 19.00 17.91 29.16
CA PHE A 426 20.24 18.04 28.45
C PHE A 426 20.80 19.45 28.54
N GLN A 427 22.01 19.59 29.06
CA GLN A 427 22.72 20.86 29.13
C GLN A 427 24.04 20.81 28.36
N GLY A 428 24.19 19.90 27.41
CA GLY A 428 25.45 19.72 26.72
C GLY A 428 25.71 20.80 25.69
N GLY A 429 24.66 21.51 25.29
CA GLY A 429 24.83 22.49 24.23
C GLY A 429 23.53 23.20 23.95
N THR A 430 23.61 24.18 23.04
CA THR A 430 22.39 24.88 22.61
C THR A 430 21.39 23.89 22.05
N LYS A 431 20.12 24.05 22.38
CA LYS A 431 19.06 23.18 21.87
C LYS A 431 18.09 23.94 21.01
N TYR A 432 17.65 23.32 19.92
CA TYR A 432 16.54 23.79 19.11
C TYR A 432 15.51 22.66 18.92
N SER A 433 14.24 22.97 18.96
CA SER A 433 13.22 21.93 18.80
C SER A 433 12.15 22.36 17.82
N PHE A 434 11.60 21.41 17.06
CA PHE A 434 10.52 21.65 16.13
C PHE A 434 9.39 20.66 16.37
N LEU A 435 8.22 21.06 15.94
CA LEU A 435 7.02 20.22 15.88
C LEU A 435 6.29 20.49 14.57
N SER A 436 6.14 19.42 13.79
CA SER A 436 5.46 19.59 12.51
C SER A 436 3.99 19.27 12.61
N LYS A 437 3.17 20.12 12.00
CA LYS A 437 1.76 19.92 11.77
C LYS A 437 1.51 20.05 10.29
N GLN A 438 2.48 19.68 9.48
CA GLN A 438 2.42 19.95 8.06
C GLN A 438 1.25 19.34 7.34
N LEU A 439 0.78 18.21 7.76
CA LEU A 439 -0.31 17.39 7.23
C LEU A 439 -1.56 17.34 8.09
N SER A 440 -1.79 18.37 8.88
CA SER A 440 -3.04 18.45 9.61
C SER A 440 -4.25 18.25 8.70
N GLY A 441 -5.18 17.40 9.14
CA GLY A 441 -6.33 17.05 8.36
C GLY A 441 -6.22 15.77 7.60
N LEU A 442 -5.03 15.22 7.42
CA LEU A 442 -4.88 13.95 6.69
C LEU A 442 -5.62 12.85 7.44
N PRO A 443 -6.66 12.26 6.86
CA PRO A 443 -7.44 11.28 7.62
C PRO A 443 -6.63 10.12 8.15
N ILE A 444 -6.98 9.71 9.36
CA ILE A 444 -6.47 8.58 10.13
C ILE A 444 -5.05 8.80 10.64
N MET A 445 -4.16 9.23 9.75
CA MET A 445 -2.75 9.35 10.08
C MET A 445 -2.33 10.69 10.63
N GLY A 446 -3.00 11.77 10.24
CA GLY A 446 -2.54 13.10 10.61
C GLY A 446 -1.12 13.34 10.10
N THR A 447 -0.37 14.11 10.90
CA THR A 447 1.02 14.41 10.55
C THR A 447 1.84 13.23 11.09
N PHE A 448 1.96 12.21 10.28
CA PHE A 448 2.34 10.89 10.71
C PHE A 448 3.84 10.68 10.77
N HIS A 449 4.18 9.62 11.51
CA HIS A 449 5.58 9.24 11.67
C HIS A 449 6.32 9.03 10.36
N ALA A 450 7.50 9.68 10.23
CA ALA A 450 8.36 9.56 9.08
C ALA A 450 7.86 10.34 7.88
N ASN A 451 6.80 11.14 7.94
CA ASN A 451 6.44 11.91 6.75
C ASN A 451 7.53 12.90 6.38
N ASP A 452 8.32 13.32 7.38
CA ASP A 452 9.47 14.18 7.16
C ASP A 452 10.46 13.57 6.18
N ILE A 453 10.59 12.29 6.06
CA ILE A 453 11.47 11.67 5.04
C ILE A 453 11.05 12.10 3.66
N VAL A 454 9.72 12.16 3.45
CA VAL A 454 9.24 12.58 2.15
C VAL A 454 9.76 13.97 1.79
N TRP A 455 9.61 14.91 2.75
CA TRP A 455 9.96 16.31 2.46
C TRP A 455 11.45 16.57 2.56
N GLN A 456 12.19 15.61 3.08
CA GLN A 456 13.65 15.74 3.20
C GLN A 456 14.40 15.17 2.01
N ASP A 457 13.87 14.06 1.48
CA ASP A 457 14.54 13.26 0.46
C ASP A 457 13.80 13.11 -0.85
N TYR A 458 12.49 13.36 -0.91
CA TYR A 458 11.75 12.96 -2.13
C TYR A 458 11.03 14.12 -2.80
N LEU A 459 10.42 15.00 -2.05
CA LEU A 459 9.60 16.10 -2.57
C LEU A 459 9.85 17.38 -1.80
N LEU A 460 9.56 18.49 -2.44
CA LEU A 460 9.60 19.77 -1.80
C LEU A 460 8.24 20.09 -1.18
N GLY A 461 8.26 20.42 0.10
CA GLY A 461 7.04 20.85 0.79
C GLY A 461 7.39 21.94 1.81
N SER A 462 6.44 22.47 2.55
CA SER A 462 6.73 23.54 3.49
C SER A 462 7.79 23.10 4.49
N GLY A 463 7.78 21.84 4.91
CA GLY A 463 8.73 21.40 5.90
C GLY A 463 10.12 21.25 5.39
N SER A 464 10.32 21.24 4.08
CA SER A 464 11.65 21.07 3.57
C SER A 464 12.59 22.19 3.96
N VAL A 465 12.05 23.38 4.29
CA VAL A 465 12.96 24.45 4.70
C VAL A 465 13.59 24.14 6.05
N ILE A 466 12.94 23.27 6.83
CA ILE A 466 13.55 22.79 8.07
C ILE A 466 14.40 21.57 7.78
N TYR A 467 13.82 20.54 7.17
CA TYR A 467 14.51 19.26 7.06
C TYR A 467 15.70 19.31 6.11
N ASN A 468 15.71 20.27 5.19
CA ASN A 468 16.88 20.54 4.35
C ASN A 468 17.53 21.82 4.85
N ASN A 469 17.00 23.01 4.57
CA ASN A 469 17.74 24.25 4.79
C ASN A 469 18.25 24.44 6.20
N ALA A 470 17.37 24.33 7.19
CA ALA A 470 17.78 24.62 8.57
C ALA A 470 18.81 23.60 9.03
N PHE A 471 18.63 22.34 8.67
CA PHE A 471 19.60 21.30 9.05
C PHE A 471 20.95 21.49 8.40
N ILE A 472 20.96 21.95 7.15
CA ILE A 472 22.21 22.27 6.45
C ILE A 472 22.92 23.41 7.16
N ALA A 473 22.15 24.45 7.49
CA ALA A 473 22.73 25.61 8.16
C ALA A 473 23.26 25.20 9.53
N PHE A 474 22.54 24.31 10.24
CA PHE A 474 23.02 23.83 11.53
C PHE A 474 24.30 23.02 11.39
N ALA A 475 24.35 22.15 10.39
CA ALA A 475 25.59 21.39 10.18
C ALA A 475 26.74 22.29 9.79
N THR A 476 26.48 23.43 9.14
CA THR A 476 27.51 24.34 8.68
C THR A 476 27.96 25.28 9.78
N ASP A 477 27.01 25.89 10.47
CA ASP A 477 27.29 26.98 11.37
C ASP A 477 26.87 26.76 12.82
N LEU A 478 26.29 25.61 13.12
CA LEU A 478 25.79 25.25 14.44
C LEU A 478 24.67 26.19 14.89
N ASP A 479 23.97 26.75 13.90
CA ASP A 479 22.85 27.64 14.16
C ASP A 479 21.89 27.52 12.98
N PRO A 480 20.68 27.02 13.18
CA PRO A 480 19.80 26.86 12.02
C PRO A 480 19.42 28.20 11.42
N ASN A 481 19.53 29.27 12.19
CA ASN A 481 19.10 30.58 11.71
C ASN A 481 20.00 31.16 10.64
N THR A 482 21.15 30.57 10.36
CA THR A 482 21.94 31.11 9.24
C THR A 482 21.33 30.69 7.91
N ALA A 483 20.27 29.87 7.92
CA ALA A 483 19.56 29.59 6.69
C ALA A 483 18.73 30.75 6.17
N GLY A 484 18.56 31.77 6.98
CA GLY A 484 17.70 32.89 6.63
C GLY A 484 16.25 32.44 6.47
N LEU A 485 15.76 31.75 7.48
CA LEU A 485 14.37 31.33 7.58
C LEU A 485 13.43 32.53 7.65
N LEU A 486 12.18 32.36 7.23
CA LEU A 486 11.27 33.49 7.31
C LEU A 486 10.77 33.76 8.71
N VAL A 487 11.03 32.85 9.62
CA VAL A 487 10.68 32.90 11.03
C VAL A 487 11.94 32.53 11.82
N ASN A 488 12.38 33.35 12.79
CA ASN A 488 13.52 33.03 13.60
C ASN A 488 13.20 31.83 14.48
N TRP A 489 14.16 30.95 14.63
CA TRP A 489 14.01 29.72 15.41
C TRP A 489 14.56 30.03 16.81
N PRO A 490 13.67 30.11 17.81
CA PRO A 490 14.16 30.42 19.17
C PRO A 490 14.90 29.25 19.78
N LYS A 491 15.87 29.53 20.65
CA LYS A 491 16.54 28.51 21.42
C LYS A 491 15.58 27.94 22.45
N TYR A 492 15.71 26.66 22.71
CA TYR A 492 14.93 25.94 23.69
C TYR A 492 15.76 25.82 24.97
N THR A 493 15.17 26.25 26.06
CA THR A 493 15.81 26.07 27.37
C THR A 493 15.06 25.07 28.23
N SER A 494 13.74 25.16 28.36
CA SER A 494 12.99 24.16 29.10
C SER A 494 11.51 24.28 28.74
N SER A 495 10.71 23.26 29.04
CA SER A 495 9.31 23.33 28.71
C SER A 495 8.50 24.28 29.58
N SER A 496 9.06 24.83 30.63
CA SER A 496 8.49 25.91 31.44
C SER A 496 8.99 27.31 31.05
N GLN A 497 9.84 27.50 30.06
CA GLN A 497 10.30 28.86 29.74
C GLN A 497 9.15 29.75 29.32
N SER A 498 9.31 31.07 29.39
CA SER A 498 8.14 31.96 29.19
C SER A 498 7.68 32.13 27.77
N GLY A 499 8.58 32.09 26.80
CA GLY A 499 8.18 32.39 25.44
C GLY A 499 8.10 31.15 24.55
N ASN A 500 7.71 31.37 23.31
CA ASN A 500 7.63 30.29 22.35
C ASN A 500 9.01 29.65 22.18
N ASN A 501 9.00 28.31 22.18
CA ASN A 501 10.26 27.59 22.12
C ASN A 501 10.24 26.47 21.09
N LEU A 502 9.20 26.38 20.27
CA LEU A 502 9.14 25.41 19.20
C LEU A 502 9.05 26.07 17.83
N MET A 503 9.89 25.63 16.91
CA MET A 503 9.62 25.95 15.52
C MET A 503 8.48 25.05 15.06
N MET A 504 7.41 25.62 14.55
CA MET A 504 6.26 24.88 14.05
C MET A 504 6.19 24.93 12.52
N ILE A 505 5.72 23.86 11.91
CA ILE A 505 5.48 23.77 10.48
C ILE A 505 4.01 23.49 10.21
N ASN A 506 3.39 24.25 9.32
CA ASN A 506 2.09 23.79 8.82
C ASN A 506 2.18 23.78 7.30
N ALA A 507 1.08 23.51 6.64
CA ALA A 507 1.12 23.37 5.17
C ALA A 507 1.57 24.68 4.53
N LEU A 508 1.29 25.81 5.18
CA LEU A 508 1.61 27.11 4.58
C LEU A 508 2.90 27.70 5.07
N GLY A 509 3.67 27.03 5.91
CA GLY A 509 4.98 27.51 6.24
C GLY A 509 5.27 27.44 7.73
N LEU A 510 6.06 28.40 8.20
CA LEU A 510 6.60 28.36 9.56
C LEU A 510 5.90 29.31 10.53
N TYR A 511 5.89 28.91 11.80
CA TYR A 511 5.47 29.80 12.88
C TYR A 511 6.09 29.26 14.18
N THR A 512 5.85 29.83 15.32
CA THR A 512 6.39 29.27 16.54
C THR A 512 5.27 29.01 17.53
N GLY A 513 5.56 28.15 18.50
CA GLY A 513 4.63 27.80 19.56
C GLY A 513 5.37 27.25 20.76
N LYS A 514 4.64 26.62 21.67
CA LYS A 514 5.17 26.25 22.96
C LYS A 514 5.07 24.75 23.15
N ASP A 515 6.04 24.20 23.85
CA ASP A 515 6.12 22.80 24.21
C ASP A 515 5.47 22.58 25.57
N ASN A 516 4.21 22.98 25.69
CA ASN A 516 3.52 22.95 26.99
C ASN A 516 2.21 22.16 26.97
N PHE A 517 2.07 21.23 26.03
CA PHE A 517 0.86 20.47 25.80
C PHE A 517 0.99 19.09 26.46
N ARG A 518 -0.16 18.50 26.77
CA ARG A 518 -0.31 17.18 27.37
C ARG A 518 0.65 16.99 28.55
N THR A 519 0.66 17.98 29.43
CA THR A 519 1.49 17.90 30.62
C THR A 519 1.05 16.79 31.56
N ALA A 520 -0.23 16.46 31.67
CA ALA A 520 -0.62 15.35 32.52
C ALA A 520 0.00 14.07 31.95
N GLY A 521 0.02 13.90 30.66
CA GLY A 521 0.61 12.68 30.10
C GLY A 521 2.10 12.68 30.28
N TYR A 522 2.77 13.84 30.16
CA TYR A 522 4.19 13.86 30.45
C TYR A 522 4.44 13.36 31.86
N ASP A 523 3.67 13.91 32.80
CA ASP A 523 3.88 13.53 34.21
C ASP A 523 3.62 12.04 34.45
N ALA A 524 2.60 11.52 33.78
CA ALA A 524 2.25 10.10 33.93
C ALA A 524 3.38 9.19 33.45
N LEU A 525 4.02 9.58 32.35
CA LEU A 525 5.04 8.74 31.74
C LEU A 525 6.42 8.96 32.36
N MET A 526 6.75 10.20 32.69
CA MET A 526 8.13 10.62 32.87
C MET A 526 8.48 10.90 34.32
N THR A 527 7.52 10.72 35.23
CA THR A 527 7.88 10.90 36.66
C THR A 527 8.83 9.76 37.01
N ASN A 528 8.50 8.55 36.56
CA ASN A 528 9.43 7.43 36.69
C ASN A 528 9.50 6.74 35.34
N PRO A 529 10.35 7.20 34.42
CA PRO A 529 10.31 6.65 33.06
C PRO A 529 10.51 5.15 33.00
N SER A 530 11.33 4.60 33.87
CA SER A 530 11.66 3.19 33.82
C SER A 530 10.44 2.32 34.10
N SER A 531 9.39 2.83 34.70
CA SER A 531 8.16 2.07 34.83
C SER A 531 7.50 1.73 33.51
N PHE A 532 7.87 2.45 32.46
CA PHE A 532 7.26 2.29 31.14
C PHE A 532 8.27 1.74 30.12
N PHE A 533 9.37 1.15 30.61
CA PHE A 533 10.36 0.58 29.71
C PHE A 533 9.93 -0.78 29.16
N VAL A 534 10.50 -1.19 28.05
CA VAL A 534 10.27 -2.48 27.45
C VAL A 534 11.54 -3.33 27.50
N ALA B 1 5.57 -29.81 -26.43
CA ALA B 1 4.80 -28.76 -25.78
C ALA B 1 3.33 -28.80 -26.14
N PRO B 2 2.45 -28.22 -25.32
CA PRO B 2 1.03 -28.23 -25.67
C PRO B 2 0.78 -27.54 -27.01
N THR B 3 -0.10 -28.14 -27.82
CA THR B 3 -0.45 -27.46 -29.06
C THR B 3 -1.95 -27.50 -29.27
N ALA B 4 -2.41 -26.61 -30.13
CA ALA B 4 -3.82 -26.52 -30.50
C ALA B 4 -3.95 -26.03 -31.94
N LYS B 5 -4.92 -26.51 -32.66
CA LYS B 5 -5.23 -26.06 -34.01
C LYS B 5 -6.40 -25.08 -33.95
N LEU B 6 -6.23 -23.92 -34.54
CA LEU B 6 -7.26 -22.89 -34.59
C LEU B 6 -8.22 -23.21 -35.71
N ALA B 7 -9.32 -22.50 -35.86
CA ALA B 7 -10.41 -22.70 -36.75
C ALA B 7 -9.83 -22.65 -38.15
N ASN B 8 -8.85 -21.77 -38.32
CA ASN B 8 -8.38 -21.54 -39.68
C ASN B 8 -7.32 -22.57 -40.08
N GLY B 9 -6.99 -23.48 -39.15
CA GLY B 9 -6.00 -24.52 -39.36
C GLY B 9 -4.61 -24.25 -38.88
N ASP B 10 -4.28 -23.09 -38.34
CA ASP B 10 -3.05 -22.71 -37.72
C ASP B 10 -2.83 -23.57 -36.47
N THR B 11 -1.62 -24.07 -36.34
CA THR B 11 -1.25 -24.80 -35.13
C THR B 11 -0.37 -23.89 -34.27
N ILE B 12 -0.81 -23.69 -33.03
CA ILE B 12 -0.05 -22.85 -32.10
C ILE B 12 0.45 -23.69 -30.94
N THR B 13 1.49 -23.21 -30.27
CA THR B 13 2.12 -23.87 -29.16
C THR B 13 1.96 -23.07 -27.88
N GLY B 14 1.74 -23.75 -26.77
CA GLY B 14 1.60 -23.13 -25.47
C GLY B 14 2.65 -23.58 -24.49
N LEU B 15 2.36 -23.39 -23.21
CA LEU B 15 3.28 -23.63 -22.11
C LEU B 15 2.77 -24.79 -21.25
N ASN B 16 3.62 -25.79 -21.00
CA ASN B 16 3.27 -26.78 -19.99
C ASN B 16 3.73 -26.23 -18.66
N ALA B 17 2.78 -25.69 -17.90
CA ALA B 17 3.07 -25.12 -16.60
C ALA B 17 2.92 -26.16 -15.49
N ILE B 18 2.79 -27.42 -15.86
CA ILE B 18 2.75 -28.58 -14.97
C ILE B 18 1.41 -28.63 -14.25
N ILE B 19 1.04 -27.53 -13.60
CA ILE B 19 -0.28 -27.49 -12.97
C ILE B 19 -1.40 -27.14 -13.94
N ASN B 20 -1.10 -26.69 -15.11
CA ASN B 20 -2.04 -26.40 -16.18
C ASN B 20 -1.22 -26.23 -17.48
N GLU B 21 -1.89 -26.14 -18.62
CA GLU B 21 -1.36 -25.82 -19.93
C GLU B 21 -1.96 -24.50 -20.38
N ALA B 22 -1.08 -23.59 -20.76
CA ALA B 22 -1.46 -22.21 -20.97
C ALA B 22 -1.09 -21.76 -22.38
N PHE B 23 -2.01 -21.15 -23.07
CA PHE B 23 -1.81 -20.50 -24.36
C PHE B 23 -2.13 -19.03 -24.10
N LEU B 24 -1.07 -18.24 -23.95
CA LEU B 24 -1.17 -16.88 -23.44
C LEU B 24 -0.77 -15.85 -24.48
N GLY B 25 -1.55 -14.78 -24.61
CA GLY B 25 -1.19 -13.70 -25.53
C GLY B 25 -1.57 -13.90 -26.97
N ILE B 26 -2.62 -14.68 -27.23
CA ILE B 26 -3.08 -14.92 -28.57
C ILE B 26 -3.80 -13.68 -29.13
N PRO B 27 -3.36 -13.05 -30.22
CA PRO B 27 -4.11 -11.90 -30.76
C PRO B 27 -5.46 -12.33 -31.34
N PHE B 28 -6.50 -11.55 -31.01
CA PHE B 28 -7.80 -11.89 -31.60
C PHE B 28 -8.38 -10.75 -32.43
N ALA B 29 -7.71 -9.60 -32.42
CA ALA B 29 -8.14 -8.43 -33.16
C ALA B 29 -6.93 -7.72 -33.76
N GLU B 30 -7.14 -6.93 -34.80
CA GLU B 30 -6.06 -6.07 -35.25
C GLU B 30 -5.70 -5.06 -34.15
N PRO B 31 -4.45 -4.66 -34.05
CA PRO B 31 -4.11 -3.64 -33.03
C PRO B 31 -4.93 -2.38 -33.24
N PRO B 32 -5.66 -1.98 -32.19
CA PRO B 32 -6.53 -0.80 -32.33
C PRO B 32 -5.79 0.52 -32.14
N VAL B 33 -4.80 0.73 -32.97
CA VAL B 33 -3.88 1.85 -32.86
C VAL B 33 -4.18 2.88 -33.93
N GLY B 34 -3.64 4.09 -33.75
CA GLY B 34 -3.79 5.07 -34.83
C GLY B 34 -5.25 5.28 -35.20
N ASN B 35 -5.54 5.20 -36.49
CA ASN B 35 -6.89 5.48 -36.97
C ASN B 35 -7.91 4.46 -36.57
N LEU B 36 -7.52 3.36 -35.93
CA LEU B 36 -8.47 2.39 -35.41
C LEU B 36 -8.77 2.65 -33.93
N ARG B 37 -8.16 3.66 -33.33
CA ARG B 37 -8.53 4.01 -31.95
C ARG B 37 -10.02 4.32 -31.83
N PHE B 38 -10.57 3.88 -30.72
CA PHE B 38 -11.95 4.05 -30.29
C PHE B 38 -12.95 3.27 -31.14
N LYS B 39 -12.54 2.66 -32.22
CA LYS B 39 -13.47 2.00 -33.14
C LYS B 39 -13.70 0.57 -32.70
N ASP B 40 -14.73 -0.06 -33.24
CA ASP B 40 -14.99 -1.46 -33.09
C ASP B 40 -13.70 -2.23 -33.41
N PRO B 41 -13.45 -3.30 -32.69
CA PRO B 41 -12.27 -4.11 -33.01
C PRO B 41 -12.51 -4.81 -34.34
N VAL B 42 -11.39 -4.95 -35.05
CA VAL B 42 -11.38 -5.65 -36.33
C VAL B 42 -10.86 -7.09 -36.14
N PRO B 43 -11.57 -8.12 -36.60
CA PRO B 43 -11.07 -9.49 -36.43
C PRO B 43 -9.64 -9.65 -36.90
N TYR B 44 -8.81 -10.36 -36.18
CA TYR B 44 -7.42 -10.60 -36.54
C TYR B 44 -7.31 -11.34 -37.86
N SER B 45 -6.53 -10.86 -38.81
CA SER B 45 -6.54 -11.43 -40.16
C SER B 45 -5.34 -12.32 -40.48
N GLY B 46 -4.24 -12.16 -39.76
CA GLY B 46 -3.05 -12.88 -40.13
C GLY B 46 -2.98 -14.32 -39.69
N SER B 47 -1.91 -15.00 -40.08
CA SER B 47 -1.64 -16.35 -39.63
C SER B 47 -0.76 -16.45 -38.39
N LEU B 48 -1.07 -17.37 -37.49
CA LEU B 48 -0.34 -17.62 -36.25
C LEU B 48 0.33 -18.98 -36.29
N ASN B 49 0.38 -19.59 -37.46
CA ASN B 49 0.88 -20.95 -37.60
C ASN B 49 2.31 -21.02 -37.11
N GLY B 50 2.58 -22.03 -36.28
CA GLY B 50 3.88 -22.26 -35.73
C GLY B 50 4.32 -21.36 -34.62
N GLN B 51 3.53 -20.39 -34.19
CA GLN B 51 3.91 -19.48 -33.14
C GLN B 51 3.64 -20.04 -31.75
N LYS B 52 4.40 -19.50 -30.79
CA LYS B 52 4.37 -19.89 -29.41
C LYS B 52 3.67 -18.83 -28.55
N PHE B 53 2.81 -19.25 -27.62
CA PHE B 53 2.07 -18.33 -26.76
C PHE B 53 2.27 -18.75 -25.31
N THR B 54 3.36 -18.34 -24.70
CA THR B 54 3.77 -18.88 -23.42
C THR B 54 3.92 -17.84 -22.32
N SER B 55 3.50 -16.60 -22.60
CA SER B 55 3.52 -15.55 -21.57
C SER B 55 2.44 -14.54 -21.86
N TYR B 56 1.93 -13.89 -20.81
CA TYR B 56 0.92 -12.86 -21.02
C TYR B 56 1.46 -11.70 -21.84
N GLY B 57 0.66 -11.17 -22.75
CA GLY B 57 0.98 -9.93 -23.41
C GLY B 57 0.69 -8.74 -22.52
N PRO B 58 1.00 -7.54 -22.99
CA PRO B 58 0.80 -6.36 -22.18
C PRO B 58 -0.67 -6.10 -21.89
N SER B 59 -0.91 -5.38 -20.82
CA SER B 59 -2.25 -4.88 -20.57
C SER B 59 -2.59 -3.82 -21.62
N CYS B 60 -3.87 -3.52 -21.77
CA CYS B 60 -4.27 -2.30 -22.45
C CYS B 60 -3.79 -1.11 -21.60
N MET B 61 -3.79 0.08 -22.18
CA MET B 61 -3.33 1.26 -21.45
C MET B 61 -4.19 1.44 -20.20
N GLN B 62 -3.52 1.82 -19.12
CA GLN B 62 -4.14 1.93 -17.81
C GLN B 62 -4.24 3.37 -17.34
N GLN B 63 -5.41 3.78 -16.88
CA GLN B 63 -5.55 5.11 -16.32
C GLN B 63 -5.09 5.12 -14.85
N ASN B 64 -4.38 6.13 -14.40
CA ASN B 64 -4.08 6.35 -13.00
C ASN B 64 -5.38 6.36 -12.20
N PRO B 65 -5.61 5.44 -11.27
CA PRO B 65 -6.85 5.49 -10.48
C PRO B 65 -7.05 6.80 -9.74
N GLU B 66 -5.97 7.54 -9.47
CA GLU B 66 -6.07 8.86 -8.83
C GLU B 66 -5.93 10.01 -9.80
N GLY B 67 -6.00 9.65 -11.09
CA GLY B 67 -6.02 10.68 -12.10
C GLY B 67 -7.11 11.71 -11.82
N THR B 68 -6.87 12.91 -12.33
CA THR B 68 -7.79 14.01 -12.20
C THR B 68 -7.23 15.24 -12.88
N PHE B 69 -8.05 16.25 -13.12
CA PHE B 69 -7.59 17.50 -13.65
C PHE B 69 -6.98 18.38 -12.56
N GLU B 70 -7.16 18.02 -11.29
CA GLU B 70 -6.58 18.68 -10.15
C GLU B 70 -5.18 18.14 -9.91
N GLU B 71 -4.42 18.79 -9.05
CA GLU B 71 -3.11 18.25 -8.71
C GLU B 71 -3.16 17.75 -7.29
N ASN B 72 -2.59 16.58 -7.01
CA ASN B 72 -2.58 16.20 -5.60
C ASN B 72 -1.60 15.05 -5.41
N LEU B 73 -1.26 14.79 -4.15
CA LEU B 73 -0.15 13.91 -3.87
C LEU B 73 -0.50 12.48 -4.25
N GLY B 74 -1.79 12.13 -4.19
CA GLY B 74 -2.14 10.76 -4.56
C GLY B 74 -1.97 10.51 -6.04
N LYS B 75 -2.43 11.47 -6.85
CA LYS B 75 -2.22 11.36 -8.30
C LYS B 75 -0.72 11.20 -8.53
N THR B 76 0.07 12.00 -7.85
CA THR B 76 1.52 11.99 -8.04
C THR B 76 2.18 10.70 -7.62
N ALA B 77 1.80 10.21 -6.45
CA ALA B 77 2.33 8.93 -5.96
C ALA B 77 2.06 7.79 -6.93
N LEU B 78 0.80 7.64 -7.36
CA LEU B 78 0.52 6.51 -8.25
C LEU B 78 1.14 6.68 -9.62
N ASP B 79 1.28 7.95 -10.01
CA ASP B 79 1.96 8.17 -11.27
C ASP B 79 3.39 7.70 -11.17
N LEU B 80 4.08 8.05 -10.10
CA LEU B 80 5.48 7.64 -10.04
C LEU B 80 5.57 6.12 -10.04
N VAL B 81 4.64 5.46 -9.32
CA VAL B 81 4.66 4.01 -9.24
C VAL B 81 4.43 3.37 -10.61
N MET B 82 3.39 3.83 -11.29
CA MET B 82 3.01 3.21 -12.55
C MET B 82 4.05 3.57 -13.60
N GLN B 83 4.79 4.68 -13.43
CA GLN B 83 5.76 4.98 -14.49
C GLN B 83 7.10 4.33 -14.22
N SER B 84 7.33 3.75 -13.04
CA SER B 84 8.66 3.20 -12.78
C SER B 84 9.06 2.07 -13.74
N LYS B 85 10.37 1.96 -13.96
CA LYS B 85 10.89 0.89 -14.80
C LYS B 85 10.43 -0.45 -14.24
N VAL B 86 10.46 -0.49 -12.90
CA VAL B 86 10.10 -1.74 -12.21
C VAL B 86 8.68 -2.12 -12.54
N PHE B 87 7.76 -1.18 -12.41
CA PHE B 87 6.36 -1.46 -12.72
C PHE B 87 6.19 -1.86 -14.19
N GLN B 88 6.79 -1.07 -15.07
CA GLN B 88 6.65 -1.28 -16.50
C GLN B 88 7.21 -2.64 -16.90
N ALA B 89 8.18 -3.15 -16.14
CA ALA B 89 8.78 -4.44 -16.44
C ALA B 89 7.85 -5.58 -16.06
N VAL B 90 7.16 -5.45 -14.94
CA VAL B 90 6.30 -6.53 -14.44
C VAL B 90 4.93 -6.46 -15.10
N LEU B 91 4.36 -5.26 -15.27
CA LEU B 91 3.03 -5.12 -15.86
C LEU B 91 3.08 -4.16 -17.04
N PRO B 92 3.66 -4.56 -18.14
CA PRO B 92 3.73 -3.66 -19.33
C PRO B 92 2.37 -3.35 -19.88
N GLN B 93 2.27 -2.19 -20.54
CA GLN B 93 1.02 -1.81 -21.16
C GLN B 93 1.26 -1.33 -22.58
N SER B 94 0.23 -1.43 -23.37
CA SER B 94 0.31 -1.02 -24.77
C SER B 94 -1.09 -0.82 -25.34
N GLU B 95 -1.22 0.05 -26.35
CA GLU B 95 -2.50 0.06 -27.05
C GLU B 95 -2.72 -1.20 -27.88
N ASP B 96 -1.72 -1.87 -28.35
CA ASP B 96 -1.67 -3.17 -28.96
C ASP B 96 -1.77 -4.25 -27.88
N CYS B 97 -3.02 -4.50 -27.48
CA CYS B 97 -3.29 -5.27 -26.27
C CYS B 97 -4.41 -6.27 -26.46
N LEU B 98 -4.97 -6.50 -27.65
CA LEU B 98 -6.16 -7.32 -27.73
C LEU B 98 -5.83 -8.77 -27.95
N THR B 99 -5.60 -9.40 -26.80
CA THR B 99 -5.18 -10.78 -26.69
C THR B 99 -6.17 -11.59 -25.84
N ILE B 100 -6.09 -12.90 -26.06
CA ILE B 100 -6.95 -13.79 -25.29
C ILE B 100 -6.09 -14.91 -24.76
N ASN B 101 -6.48 -15.53 -23.65
CA ASN B 101 -5.64 -16.47 -22.92
C ASN B 101 -6.43 -17.74 -22.60
N VAL B 102 -5.89 -18.90 -22.90
CA VAL B 102 -6.59 -20.16 -22.66
C VAL B 102 -5.75 -21.01 -21.70
N VAL B 103 -6.31 -21.39 -20.54
CA VAL B 103 -5.62 -22.19 -19.55
C VAL B 103 -6.46 -23.42 -19.25
N ARG B 104 -5.88 -24.59 -19.54
CA ARG B 104 -6.62 -25.85 -19.41
C ARG B 104 -5.94 -26.83 -18.48
N PRO B 105 -6.67 -27.83 -18.00
CA PRO B 105 -6.06 -28.84 -17.13
C PRO B 105 -4.94 -29.57 -17.83
N PRO B 106 -3.98 -30.05 -17.05
CA PRO B 106 -2.93 -30.90 -17.65
C PRO B 106 -3.50 -32.06 -18.44
N GLY B 107 -2.96 -32.34 -19.62
CA GLY B 107 -3.31 -33.50 -20.42
C GLY B 107 -4.55 -33.30 -21.26
N THR B 108 -5.22 -32.15 -21.17
CA THR B 108 -6.41 -31.96 -21.95
C THR B 108 -6.14 -31.99 -23.45
N LYS B 109 -6.94 -32.76 -24.18
CA LYS B 109 -6.76 -32.88 -25.62
C LYS B 109 -7.91 -32.21 -26.36
N ALA B 110 -7.68 -31.90 -27.63
CA ALA B 110 -8.68 -31.36 -28.56
C ALA B 110 -9.88 -32.25 -28.47
N GLY B 111 -11.13 -31.81 -28.37
CA GLY B 111 -12.16 -32.87 -28.33
C GLY B 111 -12.52 -33.34 -26.92
N ALA B 112 -11.81 -32.84 -25.92
CA ALA B 112 -12.22 -33.12 -24.54
C ALA B 112 -13.61 -32.58 -24.25
N ASN B 113 -14.08 -31.58 -24.97
CA ASN B 113 -15.37 -30.94 -24.78
C ASN B 113 -15.64 -30.48 -23.35
N LEU B 114 -14.65 -29.80 -22.78
CA LEU B 114 -14.81 -29.35 -21.42
C LEU B 114 -15.63 -28.07 -21.34
N PRO B 115 -16.38 -27.88 -20.25
CA PRO B 115 -16.98 -26.56 -20.03
C PRO B 115 -15.92 -25.49 -19.97
N VAL B 116 -16.30 -24.28 -20.37
CA VAL B 116 -15.45 -23.11 -20.46
C VAL B 116 -15.93 -22.04 -19.48
N MET B 117 -15.03 -21.54 -18.65
CA MET B 117 -15.29 -20.37 -17.80
C MET B 117 -14.57 -19.19 -18.43
N LEU B 118 -15.31 -18.27 -19.02
CA LEU B 118 -14.75 -17.13 -19.74
C LEU B 118 -14.76 -15.91 -18.81
N TRP B 119 -13.57 -15.57 -18.32
CA TRP B 119 -13.36 -14.50 -17.36
C TRP B 119 -13.26 -13.12 -18.01
N ILE B 120 -14.01 -12.18 -17.51
CA ILE B 120 -13.93 -10.77 -17.87
C ILE B 120 -13.46 -10.03 -16.65
N PHE B 121 -12.21 -9.53 -16.74
CA PHE B 121 -11.60 -8.87 -15.60
C PHE B 121 -12.33 -7.56 -15.27
N GLY B 122 -12.16 -7.11 -14.03
CA GLY B 122 -12.68 -5.82 -13.63
C GLY B 122 -11.54 -4.91 -13.17
N GLY B 123 -11.79 -3.64 -13.24
CA GLY B 123 -10.82 -2.60 -12.90
C GLY B 123 -11.45 -1.25 -13.13
N GLY B 124 -12.72 -1.08 -12.74
CA GLY B 124 -13.33 0.22 -12.91
C GLY B 124 -13.57 0.66 -14.33
N PHE B 125 -13.48 -0.24 -15.30
CA PHE B 125 -13.46 0.12 -16.71
C PHE B 125 -12.29 1.03 -17.01
N GLU B 126 -11.25 1.03 -16.19
CA GLU B 126 -10.13 1.98 -16.28
C GLU B 126 -8.75 1.37 -16.13
N ILE B 127 -8.62 0.27 -15.43
CA ILE B 127 -7.40 -0.50 -15.26
C ILE B 127 -7.76 -1.98 -15.36
N GLY B 128 -6.88 -2.88 -15.21
CA GLY B 128 -6.85 -4.27 -15.15
C GLY B 128 -6.36 -4.92 -16.41
N SER B 129 -6.18 -6.22 -16.34
CA SER B 129 -5.85 -7.10 -17.46
C SER B 129 -5.98 -8.55 -16.97
N PRO B 130 -5.99 -9.48 -17.91
CA PRO B 130 -6.03 -10.89 -17.49
C PRO B 130 -4.86 -11.34 -16.64
N THR B 131 -3.72 -10.79 -16.71
CA THR B 131 -2.45 -11.10 -16.12
C THR B 131 -2.62 -11.21 -14.62
N ILE B 132 -3.42 -10.35 -13.99
CA ILE B 132 -3.44 -10.30 -12.53
C ILE B 132 -4.59 -11.07 -11.91
N PHE B 133 -5.28 -11.88 -12.69
CA PHE B 133 -6.34 -12.78 -12.22
C PHE B 133 -5.93 -14.24 -12.48
N PRO B 134 -4.95 -14.75 -11.76
CA PRO B 134 -4.42 -16.08 -12.09
C PRO B 134 -5.48 -17.18 -12.08
N PRO B 135 -5.57 -17.92 -13.18
CA PRO B 135 -6.56 -19.01 -13.24
C PRO B 135 -6.15 -20.31 -12.57
N ALA B 136 -4.92 -20.49 -12.07
CA ALA B 136 -4.51 -21.82 -11.63
C ALA B 136 -5.39 -22.39 -10.52
N GLN B 137 -5.79 -21.54 -9.58
CA GLN B 137 -6.53 -22.04 -8.41
C GLN B 137 -7.86 -22.64 -8.89
N MET B 138 -8.53 -21.97 -9.82
CA MET B 138 -9.79 -22.46 -10.39
C MET B 138 -9.58 -23.76 -11.15
N VAL B 139 -8.58 -23.79 -12.02
CA VAL B 139 -8.35 -24.95 -12.88
C VAL B 139 -8.00 -26.17 -12.04
N THR B 140 -7.09 -25.97 -11.10
CA THR B 140 -6.68 -27.09 -10.23
C THR B 140 -7.85 -27.62 -9.43
N LYS B 141 -8.66 -26.72 -8.86
CA LYS B 141 -9.82 -27.17 -8.11
C LYS B 141 -10.78 -27.95 -8.99
N SER B 142 -10.98 -27.50 -10.25
CA SER B 142 -11.92 -28.16 -11.13
C SER B 142 -11.51 -29.61 -11.32
N VAL B 143 -10.22 -29.86 -11.49
CA VAL B 143 -9.73 -31.22 -11.66
C VAL B 143 -9.93 -32.03 -10.38
N LEU B 144 -9.59 -31.47 -9.23
CA LEU B 144 -9.82 -32.15 -7.97
C LEU B 144 -11.27 -32.55 -7.77
N MET B 145 -12.22 -31.76 -8.24
CA MET B 145 -13.63 -32.00 -8.15
C MET B 145 -14.13 -33.02 -9.15
N GLY B 146 -13.30 -33.43 -10.12
CA GLY B 146 -13.82 -34.26 -11.18
C GLY B 146 -14.72 -33.50 -12.13
N LYS B 147 -14.60 -32.19 -12.15
CA LYS B 147 -15.36 -31.33 -13.05
C LYS B 147 -14.40 -30.36 -13.75
N PRO B 148 -13.48 -30.90 -14.53
CA PRO B 148 -12.47 -30.05 -15.15
C PRO B 148 -13.06 -28.97 -16.08
N ILE B 149 -12.49 -27.78 -16.01
CA ILE B 149 -12.90 -26.68 -16.88
C ILE B 149 -11.69 -26.08 -17.56
N ILE B 150 -11.92 -25.36 -18.66
CA ILE B 150 -10.94 -24.50 -19.28
C ILE B 150 -11.26 -23.06 -18.96
N HIS B 151 -10.27 -22.32 -18.53
CA HIS B 151 -10.43 -20.90 -18.18
C HIS B 151 -9.97 -20.06 -19.33
N VAL B 152 -10.77 -19.15 -19.83
CA VAL B 152 -10.40 -18.27 -20.92
C VAL B 152 -10.51 -16.84 -20.44
N ALA B 153 -9.48 -16.02 -20.59
CA ALA B 153 -9.51 -14.63 -20.13
C ALA B 153 -9.27 -13.72 -21.32
N VAL B 154 -10.21 -12.84 -21.64
CA VAL B 154 -10.16 -11.94 -22.77
C VAL B 154 -9.69 -10.57 -22.31
N ASN B 155 -8.70 -10.00 -23.00
CA ASN B 155 -8.34 -8.61 -22.74
C ASN B 155 -9.28 -7.68 -23.49
N TYR B 156 -9.46 -6.45 -22.98
CA TYR B 156 -10.35 -5.48 -23.59
C TYR B 156 -9.82 -4.10 -23.22
N ARG B 157 -10.10 -3.13 -24.07
CA ARG B 157 -9.69 -1.76 -23.83
C ARG B 157 -10.47 -1.12 -22.71
N VAL B 158 -9.73 -0.37 -21.89
CA VAL B 158 -10.27 0.35 -20.75
C VAL B 158 -10.02 1.85 -20.92
N ALA B 159 -10.64 2.57 -19.99
CA ALA B 159 -10.53 4.02 -19.90
C ALA B 159 -10.90 4.70 -21.20
N SER B 160 -10.22 5.76 -21.59
CA SER B 160 -10.57 6.51 -22.81
C SER B 160 -10.47 5.61 -24.03
N TRP B 161 -9.48 4.71 -24.05
CA TRP B 161 -9.27 3.89 -25.21
C TRP B 161 -10.46 2.96 -25.45
N GLY B 162 -11.11 2.54 -24.38
CA GLY B 162 -12.20 1.59 -24.50
C GLY B 162 -13.58 2.15 -24.34
N PHE B 163 -13.76 3.28 -23.66
CA PHE B 163 -15.07 3.79 -23.27
C PHE B 163 -15.16 5.27 -23.47
N LEU B 164 -14.45 5.82 -24.48
CA LEU B 164 -14.71 7.19 -24.83
C LEU B 164 -16.16 7.35 -25.25
N ALA B 165 -16.78 8.46 -24.93
CA ALA B 165 -18.20 8.67 -25.21
C ALA B 165 -18.36 10.06 -25.83
N GLY B 166 -19.56 10.61 -25.77
CA GLY B 166 -19.90 11.91 -26.30
C GLY B 166 -20.52 11.84 -27.68
N ASP B 167 -20.89 12.99 -28.22
CA ASP B 167 -21.63 13.05 -29.46
C ASP B 167 -20.90 12.52 -30.66
N ASP B 168 -19.59 12.73 -30.76
CA ASP B 168 -18.86 12.30 -31.95
C ASP B 168 -18.79 10.78 -31.99
N ILE B 169 -18.50 10.19 -30.82
CA ILE B 169 -18.44 8.75 -30.70
C ILE B 169 -19.79 8.16 -31.05
N LYS B 170 -20.87 8.72 -30.50
CA LYS B 170 -22.21 8.20 -30.80
C LYS B 170 -22.48 8.25 -32.29
N ALA B 171 -22.22 9.40 -32.91
CA ALA B 171 -22.57 9.56 -34.30
C ALA B 171 -21.79 8.63 -35.20
N GLU B 172 -20.59 8.24 -34.86
CA GLU B 172 -19.79 7.28 -35.61
C GLU B 172 -20.18 5.84 -35.37
N GLY B 173 -20.96 5.53 -34.34
CA GLY B 173 -21.26 4.13 -34.03
C GLY B 173 -20.18 3.48 -33.20
N SER B 174 -19.36 4.25 -32.49
CA SER B 174 -18.21 3.70 -31.79
C SER B 174 -18.35 3.61 -30.30
N GLY B 175 -19.58 3.49 -29.78
CA GLY B 175 -19.73 3.40 -28.33
C GLY B 175 -19.23 2.06 -27.79
N ASN B 176 -18.82 2.06 -26.54
CA ASN B 176 -18.53 0.85 -25.78
C ASN B 176 -17.54 -0.06 -26.48
N ALA B 177 -16.44 0.51 -26.99
CA ALA B 177 -15.41 -0.25 -27.67
C ALA B 177 -14.94 -1.45 -26.83
N GLY B 178 -14.72 -1.23 -25.53
CA GLY B 178 -14.20 -2.35 -24.76
C GLY B 178 -15.18 -3.49 -24.62
N LEU B 179 -16.47 -3.24 -24.60
CA LEU B 179 -17.45 -4.33 -24.56
C LEU B 179 -17.42 -5.06 -25.91
N LYS B 180 -17.21 -4.31 -26.99
CA LYS B 180 -17.10 -4.95 -28.31
C LYS B 180 -15.87 -5.82 -28.38
N ASP B 181 -14.77 -5.43 -27.73
CA ASP B 181 -13.59 -6.27 -27.62
C ASP B 181 -13.96 -7.59 -26.95
N GLN B 182 -14.68 -7.48 -25.82
CA GLN B 182 -15.13 -8.67 -25.09
C GLN B 182 -15.99 -9.56 -25.98
N ARG B 183 -16.93 -8.95 -26.68
CA ARG B 183 -17.85 -9.68 -27.53
C ARG B 183 -17.10 -10.44 -28.65
N LEU B 184 -16.14 -9.76 -29.26
CA LEU B 184 -15.33 -10.38 -30.30
C LEU B 184 -14.57 -11.58 -29.71
N GLY B 185 -14.06 -11.43 -28.48
CA GLY B 185 -13.41 -12.55 -27.80
C GLY B 185 -14.33 -13.73 -27.57
N MET B 186 -15.59 -13.46 -27.22
CA MET B 186 -16.60 -14.50 -27.08
C MET B 186 -16.81 -15.24 -28.39
N GLN B 187 -16.84 -14.46 -29.48
CA GLN B 187 -16.94 -15.07 -30.81
C GLN B 187 -15.72 -15.90 -31.17
N TRP B 188 -14.55 -15.46 -30.77
CA TRP B 188 -13.29 -16.17 -30.95
C TRP B 188 -13.39 -17.53 -30.22
N VAL B 189 -13.94 -17.50 -29.02
CA VAL B 189 -14.11 -18.74 -28.27
C VAL B 189 -15.07 -19.66 -29.02
N ALA B 190 -16.19 -19.15 -29.49
CA ALA B 190 -17.12 -19.98 -30.25
C ALA B 190 -16.43 -20.70 -31.40
N ASP B 191 -15.56 -19.94 -32.10
CA ASP B 191 -14.97 -20.47 -33.33
C ASP B 191 -13.74 -21.34 -33.04
N ASN B 192 -13.02 -21.05 -31.97
CA ASN B 192 -11.70 -21.65 -31.80
C ASN B 192 -11.55 -22.56 -30.60
N ILE B 193 -12.40 -22.55 -29.60
CA ILE B 193 -12.04 -23.22 -28.36
C ILE B 193 -12.06 -24.73 -28.47
N ALA B 194 -12.79 -25.28 -29.45
CA ALA B 194 -12.84 -26.73 -29.58
C ALA B 194 -11.46 -27.36 -29.73
N GLY B 195 -10.58 -26.67 -30.47
CA GLY B 195 -9.29 -27.29 -30.71
C GLY B 195 -8.39 -27.31 -29.48
N PHE B 196 -8.80 -26.57 -28.43
CA PHE B 196 -8.09 -26.55 -27.17
C PHE B 196 -8.65 -27.58 -26.19
N GLY B 197 -9.77 -28.21 -26.53
CA GLY B 197 -10.43 -29.14 -25.62
C GLY B 197 -11.70 -28.60 -25.01
N GLY B 198 -12.18 -27.43 -25.43
CA GLY B 198 -13.38 -26.83 -24.89
C GLY B 198 -14.62 -27.11 -25.72
N ASP B 199 -15.78 -27.03 -25.06
CA ASP B 199 -17.07 -27.19 -25.72
C ASP B 199 -17.67 -25.79 -25.91
N PRO B 200 -17.73 -25.25 -27.10
CA PRO B 200 -18.22 -23.88 -27.25
C PRO B 200 -19.69 -23.75 -26.85
N SER B 201 -20.42 -24.86 -26.77
CA SER B 201 -21.81 -24.81 -26.34
C SER B 201 -21.91 -24.83 -24.82
N LYS B 202 -20.80 -24.86 -24.08
CA LYS B 202 -20.86 -24.84 -22.62
C LYS B 202 -19.97 -23.74 -22.06
N VAL B 203 -20.16 -22.50 -22.51
CA VAL B 203 -19.43 -21.36 -22.02
C VAL B 203 -20.25 -20.63 -20.97
N THR B 204 -19.63 -20.45 -19.80
CA THR B 204 -20.17 -19.62 -18.75
C THR B 204 -19.33 -18.35 -18.72
N ILE B 205 -19.95 -17.18 -18.86
CA ILE B 205 -19.17 -15.94 -18.77
C ILE B 205 -19.22 -15.48 -17.32
N PHE B 206 -18.10 -14.99 -16.79
CA PHE B 206 -18.08 -14.57 -15.40
C PHE B 206 -17.11 -13.40 -15.25
N GLY B 207 -17.36 -12.56 -14.23
CA GLY B 207 -16.46 -11.42 -14.05
C GLY B 207 -16.76 -10.81 -12.69
N GLU B 208 -15.85 -9.96 -12.24
CA GLU B 208 -16.01 -9.27 -10.97
C GLU B 208 -15.97 -7.77 -11.20
N SER B 209 -16.87 -7.06 -10.51
CA SER B 209 -16.94 -5.61 -10.48
C SER B 209 -17.16 -5.13 -11.90
N ALA B 210 -16.24 -4.40 -12.55
CA ALA B 210 -16.53 -3.98 -13.93
C ALA B 210 -16.74 -5.19 -14.84
N GLY B 211 -16.13 -6.31 -14.53
CA GLY B 211 -16.31 -7.56 -15.28
C GLY B 211 -17.66 -8.18 -15.00
N SER B 212 -18.18 -7.99 -13.79
CA SER B 212 -19.53 -8.48 -13.47
C SER B 212 -20.57 -7.66 -14.21
N MET B 213 -20.42 -6.32 -14.19
CA MET B 213 -21.29 -5.40 -14.92
C MET B 213 -21.17 -5.70 -16.40
N SER B 214 -19.98 -6.08 -16.86
CA SER B 214 -19.83 -6.49 -18.26
C SER B 214 -20.67 -7.72 -18.57
N VAL B 215 -20.67 -8.71 -17.69
CA VAL B 215 -21.54 -9.88 -17.88
C VAL B 215 -22.99 -9.42 -18.04
N LEU B 216 -23.46 -8.51 -17.19
CA LEU B 216 -24.82 -8.01 -17.39
C LEU B 216 -24.95 -7.41 -18.78
N CYS B 217 -23.99 -6.58 -19.13
CA CYS B 217 -24.07 -5.94 -20.44
C CYS B 217 -24.17 -6.97 -21.55
N HIS B 218 -23.51 -8.11 -21.40
CA HIS B 218 -23.58 -9.17 -22.38
C HIS B 218 -24.96 -9.83 -22.41
N LEU B 219 -25.69 -9.82 -21.30
CA LEU B 219 -27.07 -10.31 -21.27
C LEU B 219 -28.01 -9.40 -22.02
N ILE B 220 -27.81 -8.09 -21.91
CA ILE B 220 -28.73 -7.16 -22.56
C ILE B 220 -28.25 -6.72 -23.94
N TRP B 221 -27.08 -7.09 -24.35
CA TRP B 221 -26.48 -6.74 -25.62
C TRP B 221 -27.42 -7.13 -26.77
N ASN B 222 -27.60 -6.22 -27.71
CA ASN B 222 -28.47 -6.47 -28.86
C ASN B 222 -29.84 -6.95 -28.38
N ASP B 223 -30.34 -6.30 -27.34
CA ASP B 223 -31.62 -6.57 -26.69
C ASP B 223 -31.82 -8.05 -26.27
N GLY B 224 -30.69 -8.69 -26.01
CA GLY B 224 -30.61 -9.99 -25.45
C GLY B 224 -30.43 -11.09 -26.49
N ASP B 225 -30.21 -10.74 -27.73
CA ASP B 225 -29.84 -11.72 -28.75
C ASP B 225 -28.37 -12.04 -28.61
N ASN B 226 -28.10 -13.21 -28.02
CA ASN B 226 -26.71 -13.61 -27.77
C ASN B 226 -26.23 -14.63 -28.78
N THR B 227 -26.84 -14.67 -29.95
CA THR B 227 -26.54 -15.65 -30.98
C THR B 227 -25.38 -15.21 -31.87
N TYR B 228 -24.66 -16.25 -32.31
CA TYR B 228 -23.55 -16.11 -33.22
C TYR B 228 -23.53 -17.36 -34.08
N LYS B 229 -23.59 -17.17 -35.38
CA LYS B 229 -23.64 -18.33 -36.27
C LYS B 229 -24.71 -19.34 -35.84
N GLY B 230 -25.86 -18.79 -35.41
CA GLY B 230 -26.99 -19.60 -35.11
C GLY B 230 -27.06 -20.26 -33.76
N LYS B 231 -26.05 -20.00 -32.91
CA LYS B 231 -25.92 -20.62 -31.61
C LYS B 231 -25.65 -19.61 -30.51
N PRO B 232 -26.17 -19.78 -29.32
CA PRO B 232 -25.82 -18.86 -28.25
C PRO B 232 -24.33 -18.83 -27.96
N LEU B 233 -23.84 -17.62 -27.69
CA LEU B 233 -22.45 -17.42 -27.35
C LEU B 233 -22.08 -17.86 -25.94
N PHE B 234 -23.06 -18.05 -25.07
CA PHE B 234 -22.83 -18.50 -23.70
C PHE B 234 -24.12 -19.12 -23.17
N ARG B 235 -24.03 -19.95 -22.15
CA ARG B 235 -25.18 -20.66 -21.65
C ARG B 235 -25.44 -20.35 -20.17
N ALA B 236 -24.60 -19.51 -19.54
CA ALA B 236 -24.74 -19.18 -18.14
C ALA B 236 -23.91 -17.94 -17.86
N GLY B 237 -24.24 -17.21 -16.79
CA GLY B 237 -23.45 -16.10 -16.34
C GLY B 237 -23.24 -16.08 -14.84
N ILE B 238 -22.10 -15.60 -14.38
CA ILE B 238 -21.78 -15.37 -12.98
C ILE B 238 -21.28 -13.94 -12.80
N MET B 239 -21.97 -13.23 -11.91
CA MET B 239 -21.74 -11.83 -11.61
C MET B 239 -21.23 -11.66 -10.20
N GLN B 240 -19.94 -11.46 -10.01
CA GLN B 240 -19.33 -11.16 -8.72
C GLN B 240 -19.34 -9.64 -8.55
N SER B 241 -20.31 -9.09 -7.87
CA SER B 241 -20.40 -7.65 -7.55
C SER B 241 -20.65 -6.76 -8.74
N GLY B 242 -21.90 -6.62 -9.12
CA GLY B 242 -22.29 -5.70 -10.19
C GLY B 242 -23.27 -6.29 -11.19
N ALA B 243 -24.29 -5.53 -11.53
CA ALA B 243 -25.25 -5.86 -12.56
C ALA B 243 -25.38 -4.66 -13.49
N MET B 244 -26.55 -4.01 -13.56
CA MET B 244 -26.71 -2.91 -14.49
C MET B 244 -25.73 -1.78 -14.22
N VAL B 245 -25.26 -1.16 -15.31
CA VAL B 245 -24.52 0.09 -15.15
C VAL B 245 -25.53 1.22 -15.04
N PRO B 246 -25.50 2.03 -13.99
CA PRO B 246 -26.49 3.12 -13.83
C PRO B 246 -26.02 4.34 -14.60
N SER B 247 -26.07 4.26 -15.92
CA SER B 247 -25.48 5.26 -16.78
C SER B 247 -26.44 5.82 -17.83
N ASP B 248 -26.35 7.14 -18.02
CA ASP B 248 -26.92 7.86 -19.14
C ASP B 248 -26.31 7.43 -20.46
N PRO B 249 -26.93 7.71 -21.58
CA PRO B 249 -26.40 7.36 -22.89
C PRO B 249 -25.03 7.99 -23.18
N VAL B 250 -24.43 7.42 -24.22
CA VAL B 250 -23.11 7.81 -24.69
C VAL B 250 -23.07 9.32 -24.95
N ASP B 251 -24.15 9.84 -25.52
CA ASP B 251 -24.22 11.25 -25.93
C ASP B 251 -24.90 12.12 -24.89
N GLY B 252 -24.95 11.64 -23.65
CA GLY B 252 -25.46 12.43 -22.58
C GLY B 252 -24.51 13.43 -21.95
N THR B 253 -24.90 14.00 -20.81
CA THR B 253 -24.16 15.10 -20.26
C THR B 253 -22.74 14.77 -19.90
N TYR B 254 -22.56 13.75 -19.05
CA TYR B 254 -21.21 13.51 -18.54
C TYR B 254 -20.36 12.81 -19.57
N GLY B 255 -20.95 12.02 -20.49
CA GLY B 255 -20.09 11.50 -21.56
C GLY B 255 -19.51 12.60 -22.41
N ASN B 256 -20.31 13.61 -22.71
CA ASN B 256 -19.78 14.76 -23.46
C ASN B 256 -18.81 15.58 -22.63
N GLU B 257 -19.08 15.76 -21.34
CA GLU B 257 -18.19 16.56 -20.49
C GLU B 257 -16.82 15.93 -20.42
N ILE B 258 -16.77 14.61 -20.21
CA ILE B 258 -15.47 13.93 -20.20
C ILE B 258 -14.82 13.99 -21.55
N TYR B 259 -15.60 13.75 -22.62
CA TYR B 259 -14.99 13.86 -23.95
C TYR B 259 -14.37 15.21 -24.21
N ASP B 260 -15.09 16.28 -23.82
CA ASP B 260 -14.55 17.63 -24.04
C ASP B 260 -13.27 17.86 -23.25
N LEU B 261 -13.23 17.38 -22.01
CA LEU B 261 -12.02 17.51 -21.22
C LEU B 261 -10.86 16.71 -21.80
N PHE B 262 -11.12 15.49 -22.25
CA PHE B 262 -10.12 14.65 -22.88
C PHE B 262 -9.58 15.28 -24.15
N VAL B 263 -10.48 15.72 -25.03
CA VAL B 263 -10.08 16.40 -26.26
C VAL B 263 -9.16 17.57 -25.95
N SER B 264 -9.57 18.38 -24.99
CA SER B 264 -8.83 19.62 -24.70
C SER B 264 -7.45 19.26 -24.18
N SER B 265 -7.47 18.27 -23.27
CA SER B 265 -6.24 17.88 -22.61
C SER B 265 -5.29 17.24 -23.60
N ALA B 266 -5.76 16.66 -24.67
CA ALA B 266 -4.94 16.02 -25.70
C ALA B 266 -4.45 17.00 -26.75
N GLY B 267 -4.78 18.29 -26.62
CA GLY B 267 -4.33 19.25 -27.59
C GLY B 267 -5.20 19.34 -28.82
N CYS B 268 -6.40 18.78 -28.75
CA CYS B 268 -7.29 18.76 -29.92
C CYS B 268 -8.46 19.71 -29.82
N GLY B 269 -8.42 20.69 -28.91
CA GLY B 269 -9.53 21.56 -28.73
C GLY B 269 -9.83 22.45 -29.89
N SER B 270 -8.89 22.75 -30.79
CA SER B 270 -9.15 23.57 -31.96
C SER B 270 -9.55 22.76 -33.18
N ALA B 271 -9.70 21.45 -32.99
CA ALA B 271 -9.98 20.63 -34.16
C ALA B 271 -11.43 20.69 -34.56
N SER B 272 -11.72 20.71 -35.85
CA SER B 272 -13.02 20.47 -36.42
C SER B 272 -13.32 18.98 -36.50
N ASP B 273 -12.31 18.11 -36.60
CA ASP B 273 -12.52 16.66 -36.61
C ASP B 273 -11.76 16.13 -35.41
N LYS B 274 -12.44 16.18 -34.25
CA LYS B 274 -11.80 15.87 -32.99
C LYS B 274 -11.35 14.41 -32.91
N LEU B 275 -12.17 13.50 -33.45
CA LEU B 275 -11.76 12.09 -33.38
C LEU B 275 -10.55 11.85 -34.26
N ALA B 276 -10.46 12.48 -35.42
CA ALA B 276 -9.25 12.35 -36.24
C ALA B 276 -8.03 12.92 -35.54
N CYS B 277 -8.20 14.06 -34.84
CA CYS B 277 -7.12 14.70 -34.09
C CYS B 277 -6.64 13.76 -33.00
N LEU B 278 -7.58 13.15 -32.28
CA LEU B 278 -7.20 12.19 -31.24
C LEU B 278 -6.47 10.99 -31.83
N ARG B 279 -6.97 10.50 -32.96
CA ARG B 279 -6.36 9.33 -33.58
C ARG B 279 -4.94 9.59 -34.04
N SER B 280 -4.60 10.85 -34.26
CA SER B 280 -3.29 11.30 -34.70
C SER B 280 -2.31 11.56 -33.57
N ALA B 281 -2.78 11.58 -32.33
CA ALA B 281 -1.92 11.96 -31.22
C ALA B 281 -0.97 10.83 -30.87
N SER B 282 0.12 11.20 -30.18
CA SER B 282 1.01 10.14 -29.70
C SER B 282 0.33 9.33 -28.60
N SER B 283 0.79 8.10 -28.33
CA SER B 283 0.28 7.32 -27.23
C SER B 283 0.44 8.05 -25.91
N ASP B 284 1.58 8.72 -25.72
CA ASP B 284 1.85 9.42 -24.48
C ASP B 284 0.90 10.59 -24.28
N THR B 285 0.56 11.25 -25.41
CA THR B 285 -0.38 12.36 -25.29
C THR B 285 -1.73 11.85 -24.83
N LEU B 286 -2.17 10.71 -25.37
CA LEU B 286 -3.47 10.21 -24.94
C LEU B 286 -3.42 9.71 -23.50
N LEU B 287 -2.29 9.12 -23.09
CA LEU B 287 -2.19 8.66 -21.70
C LEU B 287 -2.27 9.86 -20.77
N ASP B 288 -1.49 10.93 -21.07
CA ASP B 288 -1.52 12.08 -20.20
C ASP B 288 -2.90 12.73 -20.14
N ALA B 289 -3.55 12.76 -21.31
CA ALA B 289 -4.89 13.35 -21.36
C ALA B 289 -5.87 12.53 -20.50
N THR B 290 -5.75 11.21 -20.57
CA THR B 290 -6.63 10.35 -19.77
C THR B 290 -6.38 10.56 -18.29
N ASN B 291 -5.13 10.76 -17.94
CA ASN B 291 -4.79 10.94 -16.52
C ASN B 291 -5.14 12.34 -16.03
N ASN B 292 -5.55 13.21 -16.94
CA ASN B 292 -6.08 14.51 -16.61
C ASN B 292 -7.61 14.50 -16.46
N THR B 293 -8.21 13.31 -16.50
CA THR B 293 -9.64 13.12 -16.22
C THR B 293 -9.74 12.26 -14.96
N PRO B 294 -10.81 12.38 -14.19
CA PRO B 294 -10.80 11.63 -12.93
C PRO B 294 -10.73 10.11 -13.11
N GLY B 295 -9.96 9.46 -12.25
CA GLY B 295 -9.92 8.02 -12.11
C GLY B 295 -10.81 7.59 -10.95
N PHE B 296 -11.07 6.29 -10.79
CA PHE B 296 -12.11 5.81 -9.90
C PHE B 296 -11.77 6.01 -8.41
N LEU B 297 -10.53 6.33 -8.04
CA LEU B 297 -10.23 6.67 -6.65
C LEU B 297 -10.16 8.17 -6.39
N ALA B 298 -10.27 8.97 -7.44
CA ALA B 298 -10.36 10.39 -7.25
C ALA B 298 -11.68 10.77 -6.57
N TYR B 299 -11.82 12.03 -6.23
CA TYR B 299 -13.01 12.50 -5.48
C TYR B 299 -14.31 12.11 -6.16
N SER B 300 -14.33 12.15 -7.49
CA SER B 300 -15.53 11.83 -8.26
C SER B 300 -15.93 10.39 -8.02
N SER B 301 -14.99 9.54 -7.61
CA SER B 301 -15.26 8.18 -7.14
C SER B 301 -16.01 7.40 -8.19
N LEU B 302 -17.08 6.70 -7.84
CA LEU B 302 -17.74 5.83 -8.81
C LEU B 302 -18.59 6.58 -9.83
N ARG B 303 -18.64 7.92 -9.78
CA ARG B 303 -19.12 8.66 -10.94
C ARG B 303 -18.01 8.58 -11.99
N LEU B 304 -17.92 7.41 -12.65
CA LEU B 304 -16.78 7.13 -13.50
C LEU B 304 -16.68 7.99 -14.75
N SER B 305 -15.43 8.29 -15.14
CA SER B 305 -15.17 9.00 -16.38
C SER B 305 -15.39 8.10 -17.57
N TYR B 306 -15.22 6.78 -17.40
CA TYR B 306 -15.23 5.81 -18.48
C TYR B 306 -16.05 4.61 -18.00
N LEU B 307 -17.14 4.28 -18.65
CA LEU B 307 -17.94 3.12 -18.25
C LEU B 307 -18.92 2.82 -19.39
N PRO B 308 -19.52 1.64 -19.44
CA PRO B 308 -20.51 1.38 -20.50
C PRO B 308 -21.72 2.29 -20.39
N ARG B 309 -22.25 2.70 -21.54
CA ARG B 309 -23.40 3.61 -21.67
C ARG B 309 -24.33 3.14 -22.75
N PRO B 310 -25.64 3.27 -22.57
CA PRO B 310 -26.55 3.00 -23.72
C PRO B 310 -26.14 3.82 -24.93
N ASP B 311 -26.13 3.17 -26.10
CA ASP B 311 -25.73 3.85 -27.32
C ASP B 311 -26.81 3.80 -28.39
N GLY B 312 -27.98 3.23 -28.09
CA GLY B 312 -29.08 3.15 -29.03
C GLY B 312 -28.85 2.14 -30.13
N LYS B 313 -27.78 1.35 -30.07
CA LYS B 313 -27.41 0.40 -31.11
C LYS B 313 -27.26 -0.99 -30.55
N ASN B 314 -26.26 -1.20 -29.71
CA ASN B 314 -25.98 -2.49 -29.09
C ASN B 314 -26.43 -2.52 -27.64
N ILE B 315 -26.48 -1.38 -26.98
CA ILE B 315 -27.15 -1.24 -25.67
C ILE B 315 -28.23 -0.20 -25.94
N THR B 316 -29.44 -0.69 -26.18
CA THR B 316 -30.40 0.20 -26.83
C THR B 316 -31.04 1.25 -25.92
N ASP B 317 -30.95 1.08 -24.60
CA ASP B 317 -31.60 1.99 -23.68
C ASP B 317 -31.00 1.79 -22.28
N ASP B 318 -31.39 2.66 -21.37
CA ASP B 318 -31.27 2.53 -19.91
C ASP B 318 -31.27 1.10 -19.50
N MET B 319 -30.21 0.60 -18.86
CA MET B 319 -30.08 -0.83 -18.65
C MET B 319 -31.06 -1.35 -17.60
N TYR B 320 -31.48 -0.51 -16.68
CA TYR B 320 -32.54 -0.89 -15.76
C TYR B 320 -33.84 -1.16 -16.51
N LYS B 321 -34.12 -0.29 -17.47
CA LYS B 321 -35.33 -0.48 -18.29
C LYS B 321 -35.24 -1.73 -19.14
N LEU B 322 -34.07 -2.01 -19.70
CA LEU B 322 -33.89 -3.19 -20.50
C LEU B 322 -34.21 -4.41 -19.67
N VAL B 323 -33.74 -4.44 -18.43
CA VAL B 323 -34.01 -5.62 -17.60
C VAL B 323 -35.49 -5.67 -17.21
N ARG B 324 -36.07 -4.53 -16.81
CA ARG B 324 -37.50 -4.45 -16.53
C ARG B 324 -38.35 -4.95 -17.68
N ASP B 325 -37.93 -4.64 -18.91
CA ASP B 325 -38.71 -4.92 -20.10
C ASP B 325 -38.35 -6.25 -20.75
N GLY B 326 -37.47 -7.05 -20.19
CA GLY B 326 -37.22 -8.39 -20.69
C GLY B 326 -36.23 -8.46 -21.82
N LYS B 327 -35.44 -7.42 -22.07
CA LYS B 327 -34.56 -7.39 -23.22
C LYS B 327 -33.21 -7.98 -22.88
N TYR B 328 -33.22 -9.28 -22.53
CA TYR B 328 -31.99 -9.96 -22.09
C TYR B 328 -32.01 -11.38 -22.65
N ALA B 329 -30.85 -11.98 -22.70
CA ALA B 329 -30.63 -13.38 -23.01
C ALA B 329 -31.18 -14.25 -21.91
N SER B 330 -31.67 -15.41 -22.30
CA SER B 330 -32.18 -16.39 -21.34
C SER B 330 -31.08 -17.36 -21.00
N VAL B 331 -30.53 -17.28 -19.80
CA VAL B 331 -29.53 -18.16 -19.25
C VAL B 331 -29.72 -18.17 -17.73
N PRO B 332 -29.35 -19.25 -17.07
CA PRO B 332 -29.31 -19.25 -15.60
C PRO B 332 -28.13 -18.38 -15.18
N VAL B 333 -28.24 -17.81 -13.98
CA VAL B 333 -27.19 -16.92 -13.44
C VAL B 333 -26.98 -17.14 -11.95
N ILE B 334 -25.73 -16.83 -11.57
CA ILE B 334 -25.35 -16.56 -10.20
C ILE B 334 -24.98 -15.08 -10.09
N ILE B 335 -25.44 -14.41 -9.05
CA ILE B 335 -25.02 -13.04 -8.84
C ILE B 335 -24.88 -12.81 -7.33
N GLY B 336 -23.82 -12.12 -6.93
CA GLY B 336 -23.66 -11.87 -5.50
C GLY B 336 -22.82 -10.66 -5.18
N ASP B 337 -22.61 -10.47 -3.89
CA ASP B 337 -21.92 -9.31 -3.39
C ASP B 337 -21.05 -9.61 -2.18
N GLN B 338 -20.14 -8.69 -1.96
CA GLN B 338 -19.40 -8.55 -0.71
C GLN B 338 -20.21 -7.62 0.20
N ASN B 339 -20.28 -7.85 1.49
CA ASN B 339 -21.17 -7.08 2.32
C ASN B 339 -20.90 -5.59 2.30
N ASP B 340 -19.62 -5.24 2.23
CA ASP B 340 -19.22 -3.84 2.36
C ASP B 340 -18.55 -3.31 1.12
N GLU B 341 -19.21 -3.49 -0.01
CA GLU B 341 -18.71 -3.08 -1.31
C GLU B 341 -18.24 -1.63 -1.31
N GLY B 342 -18.96 -0.74 -0.60
CA GLY B 342 -18.66 0.67 -0.77
C GLY B 342 -17.51 1.25 -0.01
N THR B 343 -16.92 0.58 0.95
CA THR B 343 -15.96 1.22 1.86
C THR B 343 -14.71 1.77 1.21
N ILE B 344 -14.10 1.04 0.27
CA ILE B 344 -12.90 1.56 -0.37
C ILE B 344 -13.22 2.86 -1.08
N PHE B 345 -14.38 2.93 -1.71
CA PHE B 345 -14.78 4.10 -2.47
C PHE B 345 -15.13 5.26 -1.58
N GLY B 346 -15.64 5.01 -0.39
CA GLY B 346 -15.92 6.07 0.57
C GLY B 346 -14.64 6.73 1.02
N LEU B 347 -13.49 6.08 0.86
CA LEU B 347 -12.23 6.71 1.22
C LEU B 347 -11.87 7.86 0.31
N SER B 348 -12.58 8.05 -0.80
CA SER B 348 -12.32 9.10 -1.77
C SER B 348 -12.98 10.44 -1.43
N SER B 349 -13.82 10.51 -0.42
CA SER B 349 -14.57 11.73 -0.12
C SER B 349 -14.49 12.08 1.36
N LEU B 350 -13.32 11.85 1.96
CA LEU B 350 -13.12 12.03 3.38
C LEU B 350 -13.06 13.49 3.80
N ASN B 351 -13.07 14.43 2.88
CA ASN B 351 -13.28 15.85 3.22
C ASN B 351 -14.75 16.19 3.33
N VAL B 352 -15.65 15.25 3.05
CA VAL B 352 -17.09 15.45 3.26
C VAL B 352 -17.43 15.00 4.67
N THR B 353 -17.66 15.84 5.65
CA THR B 353 -17.88 15.56 7.03
C THR B 353 -19.20 16.04 7.61
N THR B 354 -19.92 16.99 7.06
CA THR B 354 -21.19 17.46 7.53
C THR B 354 -22.35 17.01 6.65
N ASN B 355 -23.58 17.09 7.18
CA ASN B 355 -24.75 16.72 6.39
C ASN B 355 -24.91 17.57 5.16
N ALA B 356 -24.62 18.84 5.31
CA ALA B 356 -24.77 19.72 4.16
C ALA B 356 -23.78 19.34 3.07
N GLN B 357 -22.57 19.02 3.40
CA GLN B 357 -21.54 18.66 2.47
C GLN B 357 -21.89 17.31 1.89
N ALA B 358 -22.42 16.38 2.69
CA ALA B 358 -22.86 15.12 2.08
C ALA B 358 -23.95 15.36 1.06
N ARG B 359 -24.91 16.20 1.39
CA ARG B 359 -25.97 16.55 0.43
C ARG B 359 -25.37 17.09 -0.85
N ALA B 360 -24.42 18.01 -0.75
CA ALA B 360 -23.80 18.60 -1.94
C ALA B 360 -23.03 17.54 -2.73
N TYR B 361 -22.35 16.62 -2.06
CA TYR B 361 -21.66 15.54 -2.78
C TYR B 361 -22.63 14.64 -3.53
N PHE B 362 -23.72 14.22 -2.85
CA PHE B 362 -24.75 13.44 -3.51
C PHE B 362 -25.32 14.21 -4.70
N LYS B 363 -25.66 15.49 -4.57
CA LYS B 363 -26.21 16.24 -5.68
C LYS B 363 -25.22 16.38 -6.84
N GLN B 364 -23.93 16.53 -6.54
CA GLN B 364 -22.92 16.63 -7.61
C GLN B 364 -22.79 15.30 -8.34
N SER B 365 -22.95 14.22 -7.59
CA SER B 365 -22.77 12.90 -8.14
C SER B 365 -23.98 12.43 -8.94
N PHE B 366 -25.16 12.87 -8.53
CA PHE B 366 -26.46 12.46 -9.05
C PHE B 366 -27.14 13.66 -9.67
N ILE B 367 -26.70 14.02 -10.87
CA ILE B 367 -27.17 15.27 -11.47
C ILE B 367 -28.65 15.27 -11.81
N HIS B 368 -29.29 14.11 -11.90
CA HIS B 368 -30.69 14.01 -12.25
C HIS B 368 -31.60 13.93 -11.02
N ALA B 369 -31.05 13.77 -9.84
CA ALA B 369 -31.89 13.61 -8.66
C ALA B 369 -32.44 14.95 -8.20
N SER B 370 -33.75 15.02 -7.97
CA SER B 370 -34.41 16.18 -7.42
C SER B 370 -34.09 16.34 -5.94
N ASP B 371 -34.31 17.55 -5.42
CA ASP B 371 -34.15 17.76 -3.99
C ASP B 371 -35.00 16.79 -3.19
N ALA B 372 -36.22 16.49 -3.63
CA ALA B 372 -37.03 15.53 -2.90
C ALA B 372 -36.41 14.14 -2.95
N GLU B 373 -35.87 13.72 -4.10
CA GLU B 373 -35.21 12.42 -4.17
C GLU B 373 -33.95 12.37 -3.31
N ILE B 374 -33.23 13.47 -3.15
CA ILE B 374 -32.05 13.49 -2.28
C ILE B 374 -32.50 13.44 -0.83
N ASP B 375 -33.58 14.16 -0.51
CA ASP B 375 -34.14 14.06 0.85
C ASP B 375 -34.48 12.60 1.18
N THR B 376 -35.12 11.94 0.22
CA THR B 376 -35.52 10.53 0.45
C THR B 376 -34.30 9.66 0.62
N LEU B 377 -33.28 9.90 -0.21
CA LEU B 377 -32.02 9.15 -0.07
C LEU B 377 -31.38 9.36 1.30
N MET B 378 -31.30 10.62 1.75
CA MET B 378 -30.62 10.94 2.99
C MET B 378 -31.44 10.54 4.22
N ALA B 379 -32.73 10.30 4.06
CA ALA B 379 -33.52 9.67 5.12
C ALA B 379 -33.27 8.17 5.18
N ALA B 380 -33.17 7.53 4.04
CA ALA B 380 -32.94 6.09 3.97
C ALA B 380 -31.54 5.70 4.43
N TYR B 381 -30.57 6.53 4.11
CA TYR B 381 -29.16 6.38 4.49
C TYR B 381 -28.82 7.53 5.42
N PRO B 382 -29.12 7.38 6.70
CA PRO B 382 -28.98 8.50 7.66
C PRO B 382 -27.53 8.71 8.05
N GLN B 383 -27.23 9.84 8.67
CA GLN B 383 -25.87 10.09 9.15
C GLN B 383 -25.47 9.05 10.19
N ASP B 384 -26.39 8.62 11.04
CA ASP B 384 -26.17 7.68 12.15
C ASP B 384 -25.08 6.69 11.84
N ILE B 385 -23.93 6.85 12.50
CA ILE B 385 -22.77 6.08 12.06
C ILE B 385 -22.99 4.58 12.23
N THR B 386 -23.92 4.18 13.08
CA THR B 386 -24.13 2.75 13.29
C THR B 386 -24.80 2.09 12.10
N GLN B 387 -25.43 2.89 11.22
CA GLN B 387 -26.22 2.27 10.14
C GLN B 387 -25.46 2.12 8.82
N GLY B 388 -24.27 2.68 8.74
CA GLY B 388 -23.51 2.66 7.50
C GLY B 388 -22.55 1.49 7.39
N SER B 389 -21.74 1.54 6.34
CA SER B 389 -20.82 0.47 5.98
C SER B 389 -19.41 0.77 6.43
N PRO B 390 -18.62 -0.10 7.06
CA PRO B 390 -18.88 -1.53 7.36
C PRO B 390 -20.12 -1.80 8.21
N PHE B 391 -21.01 -2.61 7.61
CA PHE B 391 -22.29 -2.77 8.30
C PHE B 391 -22.11 -3.56 9.57
N ASP B 392 -22.99 -3.24 10.52
CA ASP B 392 -23.06 -3.94 11.82
C ASP B 392 -21.80 -3.73 12.64
N THR B 393 -21.20 -2.56 12.52
CA THR B 393 -20.01 -2.24 13.31
C THR B 393 -20.27 -1.11 14.29
N GLY B 394 -21.51 -0.73 14.57
CA GLY B 394 -21.77 0.21 15.63
C GLY B 394 -21.06 1.54 15.46
N ILE B 395 -20.41 2.00 16.53
CA ILE B 395 -19.70 3.28 16.45
C ILE B 395 -18.28 3.12 15.92
N PHE B 396 -17.86 1.92 15.58
CA PHE B 396 -16.56 1.73 14.99
C PHE B 396 -16.48 2.24 13.53
N ASN B 397 -15.27 2.46 13.05
CA ASN B 397 -14.94 2.78 11.65
C ASN B 397 -15.37 4.18 11.28
N ALA B 398 -15.62 5.04 12.26
CA ALA B 398 -16.12 6.38 12.00
C ALA B 398 -15.00 7.32 11.61
N ILE B 399 -14.42 7.15 10.43
CA ILE B 399 -13.31 8.02 10.01
C ILE B 399 -13.74 9.47 10.01
N THR B 400 -14.95 9.68 9.51
CA THR B 400 -15.65 10.94 9.52
C THR B 400 -17.11 10.66 9.86
N PRO B 401 -17.91 11.63 10.18
CA PRO B 401 -19.33 11.36 10.43
C PRO B 401 -20.13 10.93 9.20
N GLN B 402 -19.66 11.02 8.00
CA GLN B 402 -20.25 10.67 6.76
C GLN B 402 -19.66 9.46 6.05
N PHE B 403 -18.49 8.96 6.42
CA PHE B 403 -17.79 7.93 5.64
C PHE B 403 -18.63 6.68 5.52
N LYS B 404 -19.21 6.23 6.63
CA LYS B 404 -19.95 4.97 6.59
C LYS B 404 -21.22 5.14 5.79
N ARG B 405 -21.81 6.34 5.83
CA ARG B 405 -23.04 6.63 5.08
C ARG B 405 -22.77 6.66 3.59
N ILE B 406 -21.72 7.36 3.19
CA ILE B 406 -21.37 7.50 1.78
C ILE B 406 -21.02 6.13 1.23
N SER B 407 -20.22 5.40 2.01
CA SER B 407 -19.89 4.03 1.62
C SER B 407 -21.13 3.20 1.39
N ALA B 408 -22.10 3.31 2.30
CA ALA B 408 -23.32 2.53 2.13
C ALA B 408 -24.07 2.86 0.86
N VAL B 409 -24.25 4.14 0.55
CA VAL B 409 -24.92 4.57 -0.68
C VAL B 409 -24.19 4.05 -1.90
N LEU B 410 -22.87 4.25 -1.90
CA LEU B 410 -22.09 3.81 -3.05
C LEU B 410 -22.23 2.34 -3.33
N GLY B 411 -22.08 1.57 -2.24
CA GLY B 411 -22.12 0.11 -2.38
C GLY B 411 -23.47 -0.35 -2.81
N ASP B 412 -24.55 0.26 -2.30
CA ASP B 412 -25.86 -0.23 -2.70
C ASP B 412 -26.27 0.17 -4.10
N LEU B 413 -25.98 1.40 -4.51
CA LEU B 413 -26.40 1.82 -5.87
C LEU B 413 -25.58 1.09 -6.93
N ALA B 414 -24.27 1.03 -6.70
CA ALA B 414 -23.40 0.44 -7.71
C ALA B 414 -23.51 -1.09 -7.75
N PHE B 415 -23.79 -1.75 -6.63
CA PHE B 415 -23.68 -3.19 -6.60
C PHE B 415 -24.83 -3.91 -5.90
N ILE B 416 -25.09 -3.62 -4.63
CA ILE B 416 -25.92 -4.52 -3.80
C ILE B 416 -27.39 -4.42 -4.09
N HIS B 417 -27.95 -3.22 -4.18
CA HIS B 417 -29.34 -3.08 -4.58
C HIS B 417 -29.54 -3.15 -6.08
N ALA B 418 -28.51 -2.82 -6.85
CA ALA B 418 -28.53 -3.11 -8.26
C ALA B 418 -28.77 -4.61 -8.48
N ARG B 419 -28.05 -5.46 -7.76
CA ARG B 419 -28.23 -6.91 -7.82
C ARG B 419 -29.67 -7.27 -7.47
N ARG B 420 -30.25 -6.68 -6.40
CA ARG B 420 -31.58 -7.04 -5.98
C ARG B 420 -32.56 -6.63 -7.06
N TYR B 421 -32.38 -5.48 -7.68
CA TYR B 421 -33.27 -5.04 -8.77
C TYR B 421 -33.20 -6.07 -9.88
N PHE B 422 -31.99 -6.44 -10.25
CA PHE B 422 -31.81 -7.44 -11.32
C PHE B 422 -32.58 -8.70 -10.99
N LEU B 423 -32.38 -9.22 -9.79
CA LEU B 423 -32.95 -10.51 -9.37
C LEU B 423 -34.46 -10.42 -9.36
N ASN B 424 -35.01 -9.27 -8.97
CA ASN B 424 -36.48 -9.16 -8.88
C ASN B 424 -37.10 -9.11 -10.26
N HIS B 425 -36.35 -8.69 -11.28
CA HIS B 425 -36.94 -8.48 -12.59
C HIS B 425 -36.55 -9.53 -13.63
N PHE B 426 -35.37 -10.11 -13.52
CA PHE B 426 -34.86 -11.09 -14.46
C PHE B 426 -35.59 -12.41 -14.35
N GLN B 427 -36.21 -12.83 -15.44
CA GLN B 427 -36.93 -14.08 -15.57
C GLN B 427 -36.31 -14.97 -16.64
N GLY B 428 -35.07 -14.70 -17.00
CA GLY B 428 -34.48 -15.44 -18.12
C GLY B 428 -33.89 -16.78 -17.79
N GLY B 429 -33.80 -17.07 -16.49
CA GLY B 429 -33.24 -18.34 -16.07
C GLY B 429 -33.30 -18.48 -14.57
N THR B 430 -32.93 -19.67 -14.11
CA THR B 430 -32.75 -19.93 -12.68
C THR B 430 -31.72 -18.98 -12.11
N LYS B 431 -32.03 -18.43 -10.95
CA LYS B 431 -31.15 -17.51 -10.29
C LYS B 431 -30.64 -18.04 -8.95
N TYR B 432 -29.37 -17.81 -8.64
CA TYR B 432 -28.76 -18.03 -7.34
C TYR B 432 -28.03 -16.76 -6.91
N SER B 433 -28.10 -16.43 -5.63
CA SER B 433 -27.43 -15.21 -5.14
C SER B 433 -26.68 -15.52 -3.86
N PHE B 434 -25.56 -14.86 -3.67
CA PHE B 434 -24.76 -14.93 -2.45
C PHE B 434 -24.44 -13.54 -1.90
N LEU B 435 -24.11 -13.51 -0.62
CA LEU B 435 -23.66 -12.36 0.08
C LEU B 435 -22.56 -12.80 1.04
N SER B 436 -21.36 -12.26 0.83
CA SER B 436 -20.26 -12.61 1.68
C SER B 436 -20.08 -11.67 2.88
N LYS B 437 -19.87 -12.25 4.05
CA LYS B 437 -19.50 -11.59 5.29
C LYS B 437 -18.19 -12.19 5.76
N GLN B 438 -17.38 -12.67 4.83
CA GLN B 438 -16.20 -13.43 5.19
C GLN B 438 -15.21 -12.72 6.08
N LEU B 439 -15.02 -11.45 5.94
CA LEU B 439 -14.11 -10.59 6.64
C LEU B 439 -14.80 -9.67 7.65
N SER B 440 -15.98 -10.00 8.17
CA SER B 440 -16.55 -9.18 9.22
C SER B 440 -15.56 -8.88 10.35
N GLY B 441 -15.53 -7.60 10.73
CA GLY B 441 -14.60 -7.17 11.75
C GLY B 441 -13.34 -6.55 11.20
N LEU B 442 -13.04 -6.70 9.91
CA LEU B 442 -11.82 -6.07 9.38
C LEU B 442 -11.94 -4.56 9.49
N PRO B 443 -11.03 -3.87 10.20
CA PRO B 443 -11.27 -2.46 10.41
C PRO B 443 -11.31 -1.69 9.10
N ILE B 444 -12.18 -0.69 9.05
CA ILE B 444 -12.40 0.33 8.04
C ILE B 444 -13.05 -0.24 6.79
N MET B 445 -12.52 -1.34 6.30
CA MET B 445 -12.93 -1.94 5.05
C MET B 445 -14.06 -2.94 5.18
N GLY B 446 -14.12 -3.67 6.28
CA GLY B 446 -15.10 -4.76 6.35
C GLY B 446 -14.85 -5.80 5.28
N THR B 447 -15.95 -6.43 4.82
CA THR B 447 -15.87 -7.39 3.73
C THR B 447 -15.93 -6.59 2.44
N PHE B 448 -14.74 -6.15 2.01
CA PHE B 448 -14.60 -5.09 1.05
C PHE B 448 -14.67 -5.56 -0.39
N HIS B 449 -14.90 -4.56 -1.24
CA HIS B 449 -14.95 -4.82 -2.67
C HIS B 449 -13.74 -5.59 -3.21
N ALA B 450 -13.96 -6.64 -3.98
CA ALA B 450 -12.95 -7.43 -4.68
C ALA B 450 -12.19 -8.34 -3.75
N ASN B 451 -12.51 -8.45 -2.44
CA ASN B 451 -11.75 -9.42 -1.65
C ASN B 451 -11.93 -10.83 -2.19
N ASP B 452 -13.08 -11.10 -2.82
CA ASP B 452 -13.33 -12.38 -3.45
C ASP B 452 -12.26 -12.74 -4.47
N ILE B 453 -11.57 -11.79 -5.08
CA ILE B 453 -10.49 -12.13 -5.99
C ILE B 453 -9.40 -12.89 -5.25
N VAL B 454 -9.13 -12.45 -4.03
CA VAL B 454 -8.13 -13.16 -3.19
C VAL B 454 -8.47 -14.62 -3.03
N TRP B 455 -9.72 -14.91 -2.65
CA TRP B 455 -10.13 -16.26 -2.34
C TRP B 455 -10.42 -17.08 -3.58
N GLN B 456 -10.50 -16.45 -4.73
CA GLN B 456 -10.79 -17.15 -5.97
C GLN B 456 -9.51 -17.52 -6.71
N ASP B 457 -8.53 -16.62 -6.64
CA ASP B 457 -7.33 -16.71 -7.45
C ASP B 457 -6.02 -16.79 -6.67
N TYR B 458 -5.95 -16.48 -5.37
CA TYR B 458 -4.66 -16.34 -4.71
C TYR B 458 -4.50 -17.22 -3.48
N LEU B 459 -5.54 -17.31 -2.66
CA LEU B 459 -5.48 -18.02 -1.40
C LEU B 459 -6.74 -18.83 -1.20
N LEU B 460 -6.60 -19.87 -0.38
CA LEU B 460 -7.75 -20.62 0.05
C LEU B 460 -8.39 -20.01 1.30
N GLY B 461 -9.69 -19.77 1.26
CA GLY B 461 -10.43 -19.27 2.43
C GLY B 461 -11.82 -19.86 2.41
N SER B 462 -12.62 -19.56 3.43
CA SER B 462 -13.95 -20.15 3.48
C SER B 462 -14.77 -19.85 2.23
N GLY B 463 -14.58 -18.67 1.65
CA GLY B 463 -15.35 -18.31 0.49
C GLY B 463 -14.93 -19.01 -0.78
N SER B 464 -13.76 -19.63 -0.76
CA SER B 464 -13.26 -20.34 -1.94
C SER B 464 -14.21 -21.44 -2.36
N VAL B 465 -14.95 -22.02 -1.42
CA VAL B 465 -15.90 -23.07 -1.82
C VAL B 465 -17.01 -22.50 -2.70
N ILE B 466 -17.26 -21.21 -2.62
CA ILE B 466 -18.22 -20.59 -3.55
C ILE B 466 -17.49 -20.15 -4.81
N TYR B 467 -16.46 -19.33 -4.66
CA TYR B 467 -15.83 -18.67 -5.79
C TYR B 467 -15.08 -19.65 -6.70
N ASN B 468 -14.67 -20.78 -6.15
CA ASN B 468 -14.12 -21.84 -6.99
C ASN B 468 -15.19 -22.96 -7.09
N ASN B 469 -15.42 -23.75 -6.04
CA ASN B 469 -16.20 -24.98 -6.20
C ASN B 469 -17.60 -24.77 -6.78
N ALA B 470 -18.38 -23.86 -6.18
CA ALA B 470 -19.76 -23.72 -6.64
C ALA B 470 -19.80 -23.17 -8.05
N PHE B 471 -18.89 -22.26 -8.38
CA PHE B 471 -18.88 -21.69 -9.72
C PHE B 471 -18.48 -22.71 -10.78
N ILE B 472 -17.53 -23.60 -10.45
CA ILE B 472 -17.16 -24.69 -11.35
C ILE B 472 -18.33 -25.62 -11.56
N ALA B 473 -19.02 -25.94 -10.47
CA ALA B 473 -20.20 -26.81 -10.53
C ALA B 473 -21.27 -26.18 -11.40
N PHE B 474 -21.48 -24.88 -11.25
CA PHE B 474 -22.46 -24.16 -12.04
C PHE B 474 -22.08 -24.20 -13.51
N ALA B 475 -20.80 -23.94 -13.80
CA ALA B 475 -20.32 -23.93 -15.17
C ALA B 475 -20.45 -25.31 -15.80
N THR B 476 -20.36 -26.35 -14.99
CA THR B 476 -20.41 -27.73 -15.48
C THR B 476 -21.81 -28.26 -15.65
N ASP B 477 -22.66 -28.04 -14.65
CA ASP B 477 -23.95 -28.66 -14.49
C ASP B 477 -25.11 -27.68 -14.41
N LEU B 478 -24.85 -26.38 -14.46
CA LEU B 478 -25.85 -25.34 -14.36
C LEU B 478 -26.57 -25.41 -13.03
N ASP B 479 -25.90 -25.96 -12.01
CA ASP B 479 -26.45 -26.02 -10.66
C ASP B 479 -25.28 -25.95 -9.71
N PRO B 480 -25.15 -24.91 -8.89
CA PRO B 480 -23.95 -24.90 -8.02
C PRO B 480 -23.96 -26.04 -6.99
N ASN B 481 -25.11 -26.60 -6.70
CA ASN B 481 -25.25 -27.66 -5.71
C ASN B 481 -24.61 -28.97 -6.14
N THR B 482 -24.22 -29.15 -7.39
CA THR B 482 -23.47 -30.39 -7.67
C THR B 482 -22.07 -30.34 -7.09
N ALA B 483 -21.64 -29.24 -6.52
CA ALA B 483 -20.38 -29.16 -5.83
C ALA B 483 -20.38 -29.93 -4.52
N GLY B 484 -21.55 -30.33 -4.04
CA GLY B 484 -21.53 -31.02 -2.75
C GLY B 484 -21.14 -30.08 -1.63
N LEU B 485 -21.82 -28.93 -1.63
CA LEU B 485 -21.60 -27.92 -0.58
C LEU B 485 -22.15 -28.43 0.75
N LEU B 486 -21.64 -27.96 1.89
CA LEU B 486 -22.14 -28.42 3.18
C LEU B 486 -23.47 -27.79 3.54
N VAL B 487 -23.89 -26.83 2.76
CA VAL B 487 -25.17 -26.13 2.85
C VAL B 487 -25.78 -26.07 1.46
N ASN B 488 -27.03 -26.46 1.33
CA ASN B 488 -27.74 -26.34 0.07
C ASN B 488 -27.98 -24.87 -0.28
N TRP B 489 -27.74 -24.53 -1.55
CA TRP B 489 -27.93 -23.17 -2.06
C TRP B 489 -29.35 -23.08 -2.63
N PRO B 490 -30.22 -22.35 -1.95
CA PRO B 490 -31.60 -22.22 -2.46
C PRO B 490 -31.65 -21.36 -3.72
N LYS B 491 -32.61 -21.62 -4.59
CA LYS B 491 -32.90 -20.76 -5.71
C LYS B 491 -33.52 -19.44 -5.22
N TYR B 492 -33.13 -18.38 -5.92
CA TYR B 492 -33.66 -17.05 -5.67
C TYR B 492 -34.81 -16.78 -6.62
N THR B 493 -35.98 -16.41 -6.07
CA THR B 493 -37.07 -15.99 -6.94
C THR B 493 -37.35 -14.48 -6.81
N SER B 494 -37.48 -13.91 -5.62
CA SER B 494 -37.62 -12.48 -5.42
C SER B 494 -37.24 -12.14 -3.97
N SER B 495 -37.01 -10.85 -3.75
CA SER B 495 -36.62 -10.40 -2.43
C SER B 495 -37.75 -10.47 -1.43
N SER B 496 -38.95 -10.67 -1.83
CA SER B 496 -40.17 -10.95 -1.09
C SER B 496 -40.45 -12.42 -0.84
N GLN B 497 -39.64 -13.36 -1.31
CA GLN B 497 -40.03 -14.77 -1.10
C GLN B 497 -39.97 -15.15 0.37
N SER B 498 -40.69 -16.22 0.76
CA SER B 498 -40.87 -16.52 2.18
C SER B 498 -39.63 -17.08 2.84
N GLY B 499 -38.78 -17.80 2.13
CA GLY B 499 -37.65 -18.40 2.81
C GLY B 499 -36.31 -17.78 2.49
N ASN B 500 -35.27 -18.33 3.13
CA ASN B 500 -33.92 -17.87 2.87
C ASN B 500 -33.60 -18.10 1.41
N ASN B 501 -33.01 -17.08 0.88
CA ASN B 501 -32.72 -17.00 -0.56
C ASN B 501 -31.29 -16.50 -0.87
N LEU B 502 -30.44 -16.34 0.13
CA LEU B 502 -29.04 -16.00 -0.08
C LEU B 502 -28.13 -17.09 0.53
N MET B 503 -27.16 -17.52 -0.27
CA MET B 503 -26.00 -18.22 0.26
C MET B 503 -25.10 -17.18 0.94
N MET B 504 -24.86 -17.39 2.24
CA MET B 504 -24.00 -16.52 3.02
C MET B 504 -22.66 -17.17 3.32
N ILE B 505 -21.62 -16.38 3.37
CA ILE B 505 -20.27 -16.79 3.73
C ILE B 505 -19.79 -16.04 4.95
N ASN B 506 -19.30 -16.76 5.96
CA ASN B 506 -18.56 -16.03 7.02
C ASN B 506 -17.21 -16.70 7.17
N ALA B 507 -16.42 -16.23 8.13
CA ALA B 507 -15.06 -16.81 8.22
C ALA B 507 -15.10 -18.31 8.50
N LEU B 508 -16.15 -18.79 9.15
CA LEU B 508 -16.24 -20.22 9.47
C LEU B 508 -17.02 -21.05 8.47
N GLY B 509 -17.50 -20.53 7.36
CA GLY B 509 -18.19 -21.38 6.42
C GLY B 509 -19.43 -20.74 5.85
N LEU B 510 -20.34 -21.64 5.47
CA LEU B 510 -21.57 -21.28 4.78
C LEU B 510 -22.79 -21.34 5.71
N TYR B 511 -23.74 -20.48 5.36
CA TYR B 511 -25.09 -20.55 5.94
C TYR B 511 -26.02 -19.82 4.98
N THR B 512 -27.30 -19.69 5.27
CA THR B 512 -28.20 -18.98 4.35
C THR B 512 -28.87 -17.86 5.11
N GLY B 513 -29.39 -16.91 4.34
CA GLY B 513 -30.06 -15.75 4.91
C GLY B 513 -31.00 -15.14 3.88
N LYS B 514 -31.49 -13.93 4.15
CA LYS B 514 -32.48 -13.30 3.32
C LYS B 514 -32.01 -11.95 2.78
N ASP B 515 -32.41 -11.55 1.62
CA ASP B 515 -32.20 -10.39 0.85
C ASP B 515 -33.30 -9.39 1.12
N ASN B 516 -33.45 -9.08 2.40
CA ASN B 516 -34.54 -8.22 2.83
C ASN B 516 -34.09 -7.06 3.69
N PHE B 517 -32.82 -6.69 3.54
CA PHE B 517 -32.20 -5.64 4.32
C PHE B 517 -32.19 -4.32 3.53
N ARG B 518 -32.13 -3.23 4.31
CA ARG B 518 -32.06 -1.88 3.76
C ARG B 518 -33.09 -1.64 2.67
N THR B 519 -34.34 -2.01 2.99
CA THR B 519 -35.41 -1.84 2.02
C THR B 519 -35.72 -0.37 1.76
N ALA B 520 -35.59 0.49 2.77
CA ALA B 520 -35.83 1.90 2.53
C ALA B 520 -34.83 2.44 1.52
N GLY B 521 -33.59 1.99 1.63
CA GLY B 521 -32.54 2.41 0.71
C GLY B 521 -32.83 1.92 -0.70
N TYR B 522 -33.29 0.66 -0.80
CA TYR B 522 -33.67 0.14 -2.10
C TYR B 522 -34.75 1.02 -2.72
N ASP B 523 -35.76 1.37 -1.90
CA ASP B 523 -36.88 2.16 -2.45
C ASP B 523 -36.38 3.53 -2.85
N ALA B 524 -35.49 4.12 -2.07
CA ALA B 524 -34.98 5.43 -2.40
C ALA B 524 -34.22 5.44 -3.72
N LEU B 525 -33.44 4.40 -4.00
CA LEU B 525 -32.57 4.34 -5.16
C LEU B 525 -33.32 3.83 -6.40
N MET B 526 -34.20 2.85 -6.20
CA MET B 526 -34.66 1.99 -7.28
C MET B 526 -36.10 2.26 -7.71
N THR B 527 -36.82 3.16 -7.05
CA THR B 527 -38.16 3.49 -7.53
C THR B 527 -38.03 4.11 -8.91
N ASN B 528 -37.06 4.98 -9.04
CA ASN B 528 -36.74 5.57 -10.34
C ASN B 528 -35.24 5.52 -10.54
N PRO B 529 -34.68 4.39 -10.94
CA PRO B 529 -33.23 4.27 -11.00
C PRO B 529 -32.52 5.35 -11.79
N SER B 530 -33.13 5.79 -12.90
CA SER B 530 -32.48 6.76 -13.77
C SER B 530 -32.24 8.10 -13.08
N SER B 531 -32.89 8.37 -11.97
CA SER B 531 -32.62 9.58 -11.21
C SER B 531 -31.24 9.56 -10.56
N PHE B 532 -30.65 8.38 -10.42
CA PHE B 532 -29.34 8.23 -9.80
C PHE B 532 -28.29 7.79 -10.80
N PHE B 533 -28.52 8.00 -12.08
CA PHE B 533 -27.54 7.64 -13.12
C PHE B 533 -26.44 8.70 -13.23
N VAL B 534 -25.30 8.25 -13.77
CA VAL B 534 -24.16 9.11 -14.00
C VAL B 534 -23.92 9.26 -15.51
C1 NAG C . 32.78 0.00 24.57
C2 NAG C . 33.89 0.57 23.68
C3 NAG C . 35.18 -0.23 23.97
C4 NAG C . 35.50 -0.21 25.46
C5 NAG C . 34.30 -0.70 26.27
C6 NAG C . 34.50 -0.52 27.77
C7 NAG C . 33.27 1.44 21.48
C8 NAG C . 33.04 1.10 20.01
N2 NAG C . 33.53 0.43 22.29
O3 NAG C . 36.22 0.39 23.21
O4 NAG C . 36.56 -1.14 25.79
O5 NAG C . 33.17 0.10 25.93
O6 NAG C . 34.98 0.81 28.05
O7 NAG C . 33.25 2.62 21.84
H1 NAG C . 32.64 -0.97 24.34
H2 NAG C . 34.04 1.53 23.90
H3 NAG C . 35.07 -1.17 23.66
H4 NAG C . 35.76 0.72 25.74
H5 NAG C . 34.11 -1.65 26.07
H61 NAG C . 33.65 -0.67 28.25
H62 NAG C . 35.16 -1.18 28.11
H81 NAG C . 33.73 1.54 19.46
H82 NAG C . 32.15 1.41 19.75
H83 NAG C . 33.09 0.13 19.89
HN2 NAG C . 33.48 -0.38 21.96
HO3 NAG C . 36.82 0.66 23.74
HO6 NAG C . 34.42 1.37 27.79
C1 NAG C . 37.81 -0.59 25.97
C2 NAG C . 38.64 -1.53 26.88
C3 NAG C . 40.11 -1.13 26.85
C4 NAG C . 40.63 -0.92 25.42
C5 NAG C . 39.70 0.06 24.73
C6 NAG C . 40.12 0.43 23.31
C7 NAG C . 37.41 -2.42 28.73
C8 NAG C . 37.29 -2.52 30.25
N2 NAG C . 38.14 -1.43 28.23
O3 NAG C . 40.87 -2.20 27.41
O4 NAG C . 41.98 -0.41 25.46
O5 NAG C . 38.41 -0.59 24.66
O6 NAG C . 39.45 -0.35 22.34
O7 NAG C . 36.80 -3.23 28.03
H1 NAG C . 37.76 0.33 26.35
H2 NAG C . 38.54 -2.47 26.55
H3 NAG C . 40.25 -0.30 27.39
H4 NAG C . 40.63 -1.80 24.94
H5 NAG C . 39.62 0.89 25.28
H61 NAG C . 39.92 1.39 23.15
H62 NAG C . 41.09 0.31 23.23
H81 NAG C . 37.65 -3.38 30.54
H82 NAG C . 36.35 -2.44 30.51
H83 NAG C . 37.81 -1.79 30.66
HN2 NAG C . 38.33 -0.73 28.72
HO3 NAG C . 40.63 -2.33 28.20
HO4 NAG C . 42.01 0.34 25.10
HO6 NAG C . 38.63 -0.21 22.39
C1 NAG D . -5.73 -8.83 19.70
C2 NAG D . -6.08 -9.51 21.03
C3 NAG D . -4.85 -10.16 21.67
C4 NAG D . -4.12 -11.03 20.65
C5 NAG D . -3.77 -10.15 19.44
C6 NAG D . -2.89 -10.83 18.40
C7 NAG D . -7.87 -8.47 22.22
C8 NAG D . -8.28 -7.33 23.13
N2 NAG D . -6.58 -8.45 21.89
O3 NAG D . -5.29 -10.92 22.78
O4 NAG D . -2.91 -11.47 21.29
O5 NAG D . -5.02 -9.76 18.85
O6 NAG D . -3.53 -12.04 18.00
O7 NAG D . -8.64 -9.33 21.82
H1 NAG D . -5.13 -8.05 19.88
H2 NAG D . -6.79 -10.19 20.88
H3 NAG D . -4.24 -9.44 21.98
H4 NAG D . -4.68 -11.80 20.37
H5 NAG D . -3.30 -9.33 19.78
H61 NAG D . -2.77 -10.24 17.62
H62 NAG D . -2.00 -11.03 18.79
H81 NAG D . -8.65 -7.68 23.96
H82 NAG D . -8.96 -6.78 22.67
H83 NAG D . -7.50 -6.77 23.32
HN2 NAG D . -6.04 -7.81 22.17
HO3 NAG D . -4.62 -11.29 23.15
HO6 NAG D . -3.07 -12.42 17.42
C1 NAG D . -2.59 -12.81 21.05
C2 NAG D . -1.26 -13.14 21.73
C3 NAG D . -0.99 -14.65 21.62
C4 NAG D . -2.18 -15.44 22.19
C5 NAG D . -3.45 -14.99 21.46
C6 NAG D . -4.75 -15.60 21.99
C7 NAG D . 0.37 -11.34 21.69
C8 NAG D . 1.55 -10.69 20.98
N2 NAG D . -0.22 -12.36 21.09
O3 NAG D . 0.20 -14.91 22.34
O4 NAG D . -1.98 -16.88 21.98
O5 NAG D . -3.65 -13.56 21.67
O6 NAG D . -4.80 -15.51 23.40
O7 NAG D . 0.05 -10.91 22.81
H1 NAG D . -2.55 -13.00 20.08
H2 NAG D . -1.30 -12.88 22.70
H3 NAG D . -0.85 -14.90 20.67
H4 NAG D . -2.27 -15.26 23.16
H5 NAG D . -3.37 -15.18 20.49
H61 NAG D . -5.52 -15.12 21.60
H62 NAG D . -4.79 -16.55 21.72
H81 NAG D . 2.36 -10.79 21.52
H82 NAG D . 1.37 -9.75 20.83
H83 NAG D . 1.69 -11.13 20.12
HN2 NAG D . 0.02 -12.56 20.26
HO3 NAG D . 0.83 -14.46 22.01
HO4 NAG D . -1.28 -17.12 22.38
HO6 NAG D . -4.79 -14.70 23.63
C1 NAG E . -24.40 -3.76 -32.79
C2 NAG E . -23.86 -5.06 -33.39
C3 NAG E . -23.92 -5.01 -34.93
C4 NAG E . -25.32 -4.61 -35.38
C5 NAG E . -25.67 -3.29 -34.70
C6 NAG E . -27.03 -2.76 -35.17
C7 NAG E . -22.10 -6.20 -32.21
C8 NAG E . -20.62 -6.29 -31.87
N2 NAG E . -22.46 -5.21 -33.01
O3 NAG E . -23.59 -6.30 -35.44
O4 NAG E . -25.32 -4.35 -36.79
O5 NAG E . -25.73 -3.48 -33.28
O6 NAG E . -28.02 -3.73 -34.87
O7 NAG E . -22.93 -7.01 -31.76
H1 NAG E . -23.80 -3.01 -33.06
H2 NAG E . -24.39 -5.84 -33.06
H3 NAG E . -23.27 -4.34 -35.27
H4 NAG E . -25.98 -5.32 -35.14
H5 NAG E . -24.97 -2.61 -34.90
H61 NAG E . -27.24 -1.91 -34.71
H62 NAG E . -27.01 -2.60 -36.15
H81 NAG E . -20.27 -7.17 -32.14
H82 NAG E . -20.50 -6.18 -30.91
H83 NAG E . -20.13 -5.59 -32.34
HN2 NAG E . -21.86 -4.64 -33.32
HO3 NAG E . -24.23 -6.60 -35.89
HO6 NAG E . -28.04 -3.87 -34.04
C1 NAG E . -26.15 -5.21 -37.52
C2 NAG E . -26.55 -4.58 -38.86
C3 NAG E . -27.31 -5.60 -39.72
C4 NAG E . -26.46 -6.87 -39.88
C5 NAG E . -26.20 -7.37 -38.46
C6 NAG E . -25.53 -8.73 -38.40
C7 NAG E . -26.99 -2.20 -38.69
C8 NAG E . -27.99 -1.11 -38.32
N2 NAG E . -27.43 -3.45 -38.63
O3 NAG E . -27.59 -5.06 -41.00
O4 NAG E . -27.19 -7.85 -40.63
O5 NAG E . -25.37 -6.42 -37.76
O6 NAG E . -26.26 -9.64 -37.56
O7 NAG E . -25.85 -1.90 -39.00
H1 NAG E . -26.96 -5.44 -36.99
H2 NAG E . -25.73 -4.27 -39.35
H3 NAG E . -28.18 -5.83 -39.27
H4 NAG E . -25.60 -6.65 -40.34
H5 NAG E . -27.08 -7.44 -37.98
H61 NAG E . -25.47 -9.10 -39.32
H62 NAG E . -24.61 -8.63 -38.05
H81 NAG E . -28.08 -0.48 -39.06
H82 NAG E . -27.66 -0.62 -37.52
H83 NAG E . -28.86 -1.51 -38.12
HN2 NAG E . -28.27 -3.60 -38.43
HO3 NAG E . -28.08 -4.38 -40.92
HO4 NAG E . -27.34 -8.52 -40.15
HO6 NAG E . -26.23 -9.38 -36.76
C1 NAG F . -13.32 17.83 -1.32
C2 NAG F . -14.16 19.12 -1.46
C3 NAG F . -14.52 19.40 -2.91
C4 NAG F . -13.29 19.31 -3.81
C5 NAG F . -12.64 17.94 -3.61
C6 NAG F . -11.45 17.62 -4.47
C7 NAG F . -15.65 19.58 0.39
C8 NAG F . -16.97 19.30 1.07
N2 NAG F . -15.40 18.93 -0.74
O3 NAG F . -15.12 20.68 -3.02
O4 NAG F . -13.73 19.38 -5.18
O5 NAG F . -12.18 17.87 -2.23
O6 NAG F . -10.46 18.63 -4.40
O7 NAG F . -14.84 20.36 0.87
H1 NAG F . -13.89 17.05 -1.55
H2 NAG F . -13.65 19.89 -1.08
H3 NAG F . -15.18 18.71 -3.21
H4 NAG F . -12.64 20.04 -3.60
H5 NAG F . -13.33 17.23 -3.75
H61 NAG F . -11.06 16.76 -4.19
H62 NAG F . -11.75 17.53 -5.42
H81 NAG F . -17.48 20.14 1.16
H82 NAG F . -16.81 18.93 1.97
H83 NAG F . -17.50 18.66 0.55
HN2 NAG F . -16.01 18.39 -1.07
HO3 NAG F . -15.16 21.04 -2.27
HO6 NAG F . -9.82 18.42 -4.89
C1 NAG F . -12.94 20.17 -6.01
C2 NAG F . -13.55 20.13 -7.42
C3 NAG F . -12.82 21.15 -8.31
C4 NAG F . -12.91 22.55 -7.68
C5 NAG F . -12.36 22.48 -6.25
C6 NAG F . -12.56 23.77 -5.47
C7 NAG F . -14.39 17.95 -8.11
C8 NAG F . -14.07 16.63 -8.78
N2 NAG F . -13.38 18.78 -7.93
O3 NAG F . -13.40 21.18 -9.61
O4 NAG F . -12.12 23.42 -8.53
O5 NAG F . -13.06 21.46 -5.47
O6 NAG F . -13.92 24.18 -5.63
O7 NAG F . -15.54 18.23 -7.75
H1 NAG F . -11.98 19.86 -6.01
H2 NAG F . -14.52 20.35 -7.37
H3 NAG F . -11.86 20.90 -8.38
H4 NAG F . -13.87 22.86 -7.66
H5 NAG F . -11.39 22.26 -6.29
H61 NAG F . -12.36 23.64 -4.51
H62 NAG F . -11.95 24.48 -5.81
H81 NAG F . -14.59 16.55 -9.62
H82 NAG F . -14.32 15.89 -8.18
H83 NAG F . -13.12 16.59 -8.98
HN2 NAG F . -12.58 18.51 -8.14
HO3 NAG F . -13.35 20.40 -9.94
HO4 NAG F . -12.14 24.20 -8.23
HO6 NAG F . -14.43 23.58 -5.34
O1 F23 G . 10.92 5.10 8.30
O2 F23 G . 11.90 5.42 10.12
C1 F23 G . 11.20 4.76 9.45
C2 F23 G . 10.79 3.50 10.00
C3 F23 G . 9.38 3.49 10.45
C4 F23 G . 9.18 2.45 11.50
C5 F23 G . 9.47 3.08 12.82
C6 F23 G . 9.33 2.19 14.02
C7 F23 G . 9.64 2.91 15.30
C8 F23 G . 11.09 2.94 15.63
C9 F23 G . 11.75 3.71 16.69
C10 F23 G . 11.95 2.90 17.99
C11 F23 G . 10.66 3.02 18.74
C12 F23 G . 10.32 2.07 19.77
C13 F23 G . 11.13 2.29 21.04
C14 F23 G . 10.46 1.46 22.14
C15 F23 G . 9.15 2.12 22.68
C16 F23 G . 8.66 1.25 23.85
C17 F23 G . 7.41 1.83 24.53
C18 F23 G . 6.11 1.51 23.75
C19 F23 G . 5.54 0.08 24.01
C20 F23 G . 4.26 -0.13 23.30
C21 F23 G . 3.06 0.54 24.02
C22 F23 G . 1.72 0.00 23.47
C23 F23 G . 0.58 0.91 23.98
H2A F23 G . 11.37 3.29 10.76
H2B F23 G . 10.91 2.80 9.31
H3A F23 G . 8.79 3.30 9.68
H3B F23 G . 9.13 4.38 10.82
H4A F23 G . 9.78 1.68 11.35
H4B F23 G . 8.24 2.12 11.48
H5A F23 G . 8.86 3.85 12.94
H5B F23 G . 10.40 3.42 12.80
H6A F23 G . 9.93 1.42 13.92
H6B F23 G . 8.40 1.85 14.06
H7A F23 G . 9.14 2.48 16.03
H7B F23 G . 9.31 3.85 15.22
H8A F23 G . 11.33 1.99 15.80
H8B F23 G . 11.55 3.18 14.80
H9A F23 G . 11.20 4.50 16.90
H9B F23 G . 12.62 4.01 16.37
H101 F23 G . 12.15 1.95 17.79
H102 F23 G . 12.70 3.28 18.53
H111 F23 G . 10.64 3.92 19.14
H112 F23 G . 9.93 3.00 18.06
H121 F23 G . 10.48 1.16 19.43
H122 F23 G . 9.36 2.16 19.98
H131 F23 G . 12.06 1.98 20.91
H132 F23 G . 11.14 3.24 21.29
H141 F23 G . 11.09 1.35 22.89
H142 F23 G . 10.24 0.56 21.78
H151 F23 G . 9.34 3.04 22.99
H152 F23 G . 8.47 2.14 21.96
H161 F23 G . 9.38 1.18 24.52
H162 F23 G . 8.46 0.34 23.52
H171 F23 G . 7.50 2.82 24.59
H172 F23 G . 7.34 1.48 25.45
H181 F23 G . 6.29 1.61 22.78
H182 F23 G . 5.41 2.17 24.00
H191 F23 G . 6.20 -0.60 23.71
H192 F23 G . 5.40 -0.05 24.98
H201 F23 G . 4.09 -1.10 23.22
H202 F23 G . 4.34 0.24 22.38
H231 F23 G . 0.55 0.88 24.96
H232 F23 G . -0.28 0.58 23.62
H233 F23 G . 0.72 1.83 23.69
O1 F23 H . -10.64 -5.42 -8.65
O2 F23 H . -12.34 -5.29 -9.82
C1 F23 H . -11.45 -4.77 -9.26
C2 F23 H . -11.34 -3.37 -9.47
C3 F23 H . -11.67 -2.55 -8.29
C4 F23 H . -12.05 -1.16 -8.74
C5 F23 H . -13.54 -1.20 -8.92
C6 F23 H . -14.19 0.07 -9.40
C7 F23 H . -15.68 -0.09 -9.52
C8 F23 H . -16.07 -0.58 -10.88
C9 F23 H . -17.43 -0.99 -11.25
C10 F23 H . -18.22 0.14 -11.92
C11 F23 H . -18.75 0.94 -10.76
C12 F23 H . -19.35 2.20 -11.16
C13 F23 H . -20.67 2.14 -11.89
C14 F23 H . -21.30 3.52 -11.78
C15 F23 H . -21.93 3.86 -10.41
C16 F23 H . -22.55 5.29 -10.50
C17 F23 H . -23.30 5.71 -9.21
C18 F23 H . -22.35 6.22 -8.11
C19 F23 H . -21.89 7.70 -8.23
C20 F23 H . -21.08 8.15 -7.10
C21 F23 H . -21.98 8.45 -5.87
C22 F23 H . -21.17 9.11 -4.76
C23 F23 H . -21.98 9.06 -3.44
H2A F23 H . -11.93 -3.11 -10.21
H2B F23 H . -10.41 -3.17 -9.74
H3A F23 H . -12.42 -2.95 -7.79
H3B F23 H . -10.88 -2.50 -7.69
H4A F23 H . -11.60 -0.93 -9.59
H4B F23 H . -11.80 -0.49 -8.06
H5A F23 H . -13.95 -1.44 -8.05
H5B F23 H . -13.75 -1.93 -9.55
H6A F23 H . -13.81 0.30 -10.29
H6B F23 H . -13.98 0.80 -8.78
H7A F23 H . -16.11 0.80 -9.36
H7B F23 H . -16.00 -0.71 -8.83
H8A F23 H . -15.82 0.13 -11.51
H8B F23 H . -15.49 -1.35 -11.07
H9A F23 H . -17.92 -1.30 -10.44
H9B F23 H . -17.37 -1.76 -11.88
H101 F23 H . -17.64 0.68 -12.50
H102 F23 H . -18.97 -0.23 -12.47
H111 F23 H . -19.42 0.40 -10.28
H112 F23 H . -18.00 1.13 -10.14
H121 F23 H . -18.70 2.69 -11.72
H122 F23 H . -19.48 2.74 -10.34
H131 F23 H . -21.26 1.46 -11.49
H132 F23 H . -20.52 1.91 -12.84
H141 F23 H . -22.00 3.61 -12.47
H142 F23 H . -20.61 4.20 -11.98
H151 F23 H . -22.64 3.20 -10.20
H152 F23 H . -21.24 3.83 -9.70
H161 F23 H . -23.18 5.32 -11.26
H162 F23 H . -21.82 5.94 -10.68
H171 F23 H . -23.80 4.93 -8.87
H172 F23 H . -23.93 6.42 -9.43
H181 F23 H . -21.54 5.65 -8.09
H182 F23 H . -22.80 6.11 -7.23
H191 F23 H . -21.38 7.80 -9.07
H192 F23 H . -22.70 8.27 -8.30
H201 F23 H . -20.58 8.97 -7.36
H202 F23 H . -20.41 7.46 -6.87
H231 F23 H . -22.82 9.54 -3.56
H232 F23 H . -21.45 9.50 -2.73
H233 F23 H . -22.15 8.14 -3.20
#